data_3A0F
#
_entry.id   3A0F
#
_cell.length_a   135.192
_cell.length_b   135.192
_cell.length_c   119.895
_cell.angle_alpha   90.00
_cell.angle_beta   90.00
_cell.angle_gamma   120.00
#
_symmetry.space_group_name_H-M   'P 32 2 1'
#
loop_
_entity.id
_entity.type
_entity.pdbx_description
1 polymer Xyloglucanase
2 water water
#
_entity_poly.entity_id   1
_entity_poly.type   'polypeptide(L)'
_entity_poly.pdbx_seq_one_letter_code
;MHHHHHHVTAELKPVTISGGGFISGLVAHPTEKDLIYARTDIGGTYRWNAAKWEWEPITDFIINNALAGNGANLLGTESI
ALDPHNPDRLYLAQGDYVQWDPWAAFLVSDDRGKTFKQYRSPVPMGANDMGRNGGERLAVNPHWTDELWFGSRTQGLWRS
TDRAQTWSRMNQLPDSSTYGIGIISVIFDPKNVGTAYVASHAVGGLWVTWDGGANWSQVGGQPTQWSDWTKSIVAASGTA
IQSSGPLPIKIALGKNGRLYITYSDAPGPWGVLYGEVWSYDPTNGNWKHITPSREGANTYPAPTGNKKVVPGGWNGISVG
NGDTVVVSTLDANGEDSVYLSRDAGNSWKDLGKLTTPAGAGGNSQKESDAKLRNGTPLPWLSFQNRGSGIVGFGWWLAAI
LLDPFSDRLLYGTGAVIWATDAVSRADSNQAPSWYINTEGIEETAILVLKSPPAGPAHLFSGMYDLGGMRHDDFSVPQPM
YSKPTFSSTDGLDFAGRAANVLARVGRNDHPDAGVAGCTQGAYTTNSGDSWTLFQTCVPSLEVGNGGTIAVGADGKTFVW
SPSKADGKGPYTSSDYGKTWTAPSGLSKQTTGIAADRVQANTFYVYVEGDFFVSTDGGKSYTKKGNGLPCCWTYTGTPVT
SNLRAGELWVSVKGVGIYHSTDFGNTFTALAGSGSSLNPAVFSIGAPQTPNATETLFLWGIPSASQPEGLYMSTDNGGLW
TRLNDDAHNYGGATVISGDPRIYGRVYIGMNGRGIICAQALGT
;
_entity_poly.pdbx_strand_id   A
#
# COMPACT_ATOMS: atom_id res chain seq x y z
N ALA A 10 0.75 26.85 -2.04
CA ALA A 10 1.87 25.87 -1.89
C ALA A 10 1.92 24.85 -3.02
N GLU A 11 3.12 24.56 -3.51
CA GLU A 11 3.30 23.58 -4.58
C GLU A 11 3.44 22.22 -3.90
N LEU A 12 2.58 21.28 -4.28
CA LEU A 12 2.57 19.91 -3.72
C LEU A 12 2.91 18.89 -4.81
N LYS A 13 4.01 18.17 -4.63
CA LYS A 13 4.49 17.21 -5.63
C LYS A 13 5.03 15.94 -5.00
N PRO A 14 4.93 14.83 -5.74
CA PRO A 14 5.44 13.58 -5.17
C PRO A 14 6.96 13.61 -5.01
N VAL A 15 7.47 12.84 -4.05
CA VAL A 15 8.88 12.46 -4.02
C VAL A 15 8.83 11.08 -4.60
N THR A 16 9.30 10.98 -5.84
CA THR A 16 8.93 9.86 -6.67
C THR A 16 9.47 8.54 -6.16
N ILE A 17 8.56 7.57 -6.08
CA ILE A 17 8.90 6.18 -5.90
C ILE A 17 8.29 5.43 -7.08
N SER A 18 6.99 5.72 -7.29
CA SER A 18 6.16 5.21 -8.40
C SER A 18 5.56 3.82 -8.19
N GLY A 19 4.30 3.78 -7.77
CA GLY A 19 3.64 2.55 -7.36
C GLY A 19 4.13 2.14 -5.97
N GLY A 20 4.65 0.93 -5.87
CA GLY A 20 5.21 0.41 -4.60
C GLY A 20 4.24 -0.34 -3.71
N GLY A 21 3.02 -0.58 -4.19
CA GLY A 21 2.05 -1.38 -3.38
C GLY A 21 1.04 -2.13 -4.21
N PHE A 22 0.08 -2.74 -3.55
CA PHE A 22 -0.87 -3.63 -4.24
C PHE A 22 -1.95 -2.91 -5.06
N ILE A 23 -1.99 -3.24 -6.35
CA ILE A 23 -3.07 -2.89 -7.24
C ILE A 23 -4.15 -3.97 -7.18
N SER A 24 -5.28 -3.62 -6.59
CA SER A 24 -6.28 -4.59 -6.28
C SER A 24 -7.39 -4.72 -7.33
N GLY A 25 -7.50 -3.75 -8.24
CA GLY A 25 -8.47 -3.85 -9.35
C GLY A 25 -8.26 -2.84 -10.47
N LEU A 26 -8.84 -3.14 -11.64
CA LEU A 26 -8.66 -2.35 -12.86
C LEU A 26 -9.92 -2.45 -13.71
N VAL A 27 -10.55 -1.31 -13.98
CA VAL A 27 -11.86 -1.33 -14.59
C VAL A 27 -11.88 -0.39 -15.79
N ALA A 28 -12.33 -0.90 -16.92
CA ALA A 28 -12.43 -0.11 -18.14
C ALA A 28 -13.90 0.19 -18.43
N HIS A 29 -14.19 1.34 -19.01
CA HIS A 29 -15.53 1.57 -19.52
C HIS A 29 -15.93 0.70 -20.77
N PRO A 30 -17.15 0.15 -20.80
CA PRO A 30 -17.37 -0.60 -22.06
C PRO A 30 -17.62 0.24 -23.35
N THR A 31 -17.77 1.56 -23.24
CA THR A 31 -18.03 2.40 -24.46
C THR A 31 -17.08 3.52 -24.69
N GLU A 32 -16.44 4.02 -23.63
CA GLU A 32 -15.57 5.19 -23.73
C GLU A 32 -14.07 4.86 -23.72
N LYS A 33 -13.44 5.03 -24.88
CA LYS A 33 -12.02 4.84 -25.02
C LYS A 33 -11.26 5.60 -23.95
N ASP A 34 -10.29 4.92 -23.33
CA ASP A 34 -9.31 5.52 -22.39
C ASP A 34 -9.87 5.73 -20.99
N LEU A 35 -11.12 5.30 -20.73
CA LEU A 35 -11.74 5.58 -19.44
C LEU A 35 -11.47 4.40 -18.50
N ILE A 36 -10.34 4.51 -17.81
CA ILE A 36 -9.80 3.42 -17.01
C ILE A 36 -9.54 3.89 -15.56
N TYR A 37 -9.90 3.04 -14.59
CA TYR A 37 -9.58 3.32 -13.19
C TYR A 37 -8.84 2.17 -12.54
N ALA A 38 -7.95 2.49 -11.62
CA ALA A 38 -7.28 1.51 -10.76
C ALA A 38 -7.72 1.71 -9.30
N ARG A 39 -8.04 0.62 -8.60
CA ARG A 39 -8.26 0.67 -7.14
C ARG A 39 -7.04 0.08 -6.44
N THR A 40 -6.69 0.63 -5.29
CA THR A 40 -5.64 0.12 -4.40
C THR A 40 -6.26 -0.27 -3.05
N ASP A 41 -5.53 -1.05 -2.25
CA ASP A 41 -6.09 -1.56 -1.00
C ASP A 41 -6.09 -0.54 0.14
N ILE A 42 -5.08 0.33 0.16
CA ILE A 42 -5.01 1.35 1.21
C ILE A 42 -4.97 2.75 0.66
N GLY A 43 -4.91 2.86 -0.67
CA GLY A 43 -4.47 4.09 -1.31
C GLY A 43 -5.45 4.74 -2.25
N GLY A 44 -6.74 4.49 -2.09
CA GLY A 44 -7.76 5.17 -2.92
C GLY A 44 -7.79 4.74 -4.38
N THR A 45 -8.49 5.50 -5.22
CA THR A 45 -8.52 5.13 -6.65
C THR A 45 -7.84 6.14 -7.57
N TYR A 46 -7.41 5.64 -8.72
CA TYR A 46 -6.76 6.46 -9.73
C TYR A 46 -7.51 6.41 -11.07
N ARG A 47 -7.61 7.55 -11.74
CA ARG A 47 -8.18 7.64 -13.08
C ARG A 47 -7.03 7.77 -14.07
N TRP A 48 -7.02 6.93 -15.09
CA TRP A 48 -6.01 6.96 -16.13
C TRP A 48 -6.14 8.25 -16.98
N ASN A 49 -5.02 8.92 -17.25
CA ASN A 49 -5.03 10.02 -18.23
C ASN A 49 -4.20 9.61 -19.45
N ALA A 50 -4.88 9.31 -20.55
CA ALA A 50 -4.22 8.78 -21.76
C ALA A 50 -3.34 9.83 -22.41
N ALA A 51 -3.77 11.09 -22.32
CA ALA A 51 -3.05 12.17 -22.94
C ALA A 51 -1.74 12.50 -22.19
N LYS A 52 -1.83 12.73 -20.88
CA LYS A 52 -0.67 13.02 -20.02
C LYS A 52 0.09 11.73 -19.66
N TRP A 53 -0.50 10.60 -20.04
CA TRP A 53 0.10 9.29 -19.75
C TRP A 53 0.44 9.21 -18.26
N GLU A 54 -0.57 9.35 -17.43
CA GLU A 54 -0.36 9.50 -16.02
C GLU A 54 -1.61 9.06 -15.27
N TRP A 55 -1.44 8.29 -14.22
CA TRP A 55 -2.57 7.93 -13.36
C TRP A 55 -2.87 9.10 -12.44
N GLU A 56 -4.13 9.47 -12.32
CA GLU A 56 -4.53 10.62 -11.53
C GLU A 56 -5.31 10.20 -10.27
N PRO A 57 -4.76 10.52 -9.09
CA PRO A 57 -5.42 10.23 -7.79
C PRO A 57 -6.72 11.00 -7.64
N ILE A 58 -7.84 10.30 -7.46
CA ILE A 58 -9.13 11.00 -7.40
C ILE A 58 -9.74 11.07 -6.01
N THR A 59 -9.08 10.43 -5.02
CA THR A 59 -9.66 10.33 -3.69
C THR A 59 -8.83 11.04 -2.62
N ASP A 60 -7.88 11.88 -3.06
CA ASP A 60 -6.98 12.56 -2.12
C ASP A 60 -7.68 13.51 -1.12
N PHE A 61 -8.96 13.77 -1.32
CA PHE A 61 -9.67 14.59 -0.35
C PHE A 61 -9.91 13.83 0.97
N ILE A 62 -9.79 12.51 0.96
CA ILE A 62 -10.15 11.71 2.14
C ILE A 62 -9.19 11.88 3.33
N ILE A 63 -9.74 12.11 4.53
CA ILE A 63 -8.95 11.93 5.74
C ILE A 63 -9.28 10.61 6.46
N ASN A 64 -8.28 9.75 6.68
CA ASN A 64 -8.45 8.55 7.54
C ASN A 64 -8.54 8.97 9.00
N ASN A 65 -9.43 8.35 9.77
CA ASN A 65 -9.51 8.63 11.21
C ASN A 65 -9.51 10.15 11.56
N ALA A 66 -10.45 10.87 10.97
CA ALA A 66 -10.50 12.34 11.10
C ALA A 66 -10.32 12.79 12.57
N LEU A 67 -9.45 13.78 12.82
CA LEU A 67 -9.21 14.25 14.20
C LEU A 67 -10.42 14.92 14.83
N ALA A 68 -11.18 15.65 14.03
CA ALA A 68 -12.50 16.16 14.40
C ALA A 68 -13.28 14.92 14.75
N GLY A 69 -14.44 15.05 15.39
CA GLY A 69 -15.34 13.90 15.49
C GLY A 69 -14.75 12.53 15.12
N ASN A 70 -15.50 11.71 14.37
CA ASN A 70 -15.29 10.25 14.36
C ASN A 70 -15.33 9.53 12.97
N GLY A 71 -14.12 9.16 12.54
CA GLY A 71 -13.90 8.79 11.18
C GLY A 71 -13.50 7.35 11.11
N ALA A 72 -13.01 6.96 9.95
CA ALA A 72 -12.60 5.57 9.70
C ALA A 72 -11.45 5.61 8.72
N ASN A 73 -10.95 4.44 8.37
CA ASN A 73 -10.01 4.28 7.29
C ASN A 73 -10.85 4.19 6.02
N LEU A 74 -10.94 5.31 5.31
CA LEU A 74 -11.81 5.42 4.14
C LEU A 74 -11.03 5.36 2.82
N LEU A 75 -9.73 5.62 2.87
CA LEU A 75 -8.93 5.79 1.66
C LEU A 75 -8.97 4.56 0.78
N GLY A 76 -8.82 3.37 1.36
CA GLY A 76 -8.95 2.14 0.60
C GLY A 76 -10.24 1.99 -0.20
N THR A 77 -10.07 1.58 -1.44
CA THR A 77 -11.22 1.38 -2.32
C THR A 77 -11.56 -0.11 -2.42
N GLU A 78 -12.71 -0.47 -1.84
CA GLU A 78 -13.24 -1.84 -1.92
C GLU A 78 -13.62 -2.24 -3.34
N SER A 79 -14.35 -1.35 -4.04
CA SER A 79 -14.88 -1.62 -5.39
C SER A 79 -15.04 -0.36 -6.28
N ILE A 80 -14.84 -0.54 -7.58
CA ILE A 80 -15.15 0.49 -8.57
C ILE A 80 -16.27 -0.04 -9.46
N ALA A 81 -17.28 0.80 -9.73
CA ALA A 81 -18.33 0.43 -10.68
C ALA A 81 -18.65 1.52 -11.66
N LEU A 82 -18.76 1.14 -12.92
CA LEU A 82 -19.07 2.07 -13.99
C LEU A 82 -20.47 1.83 -14.53
N ASP A 83 -21.06 2.91 -15.01
CA ASP A 83 -22.37 2.86 -15.59
C ASP A 83 -22.12 2.68 -17.06
N PRO A 84 -22.49 1.51 -17.60
CA PRO A 84 -22.16 1.22 -19.00
C PRO A 84 -22.82 2.15 -20.04
N HIS A 85 -23.88 2.86 -19.67
CA HIS A 85 -24.55 3.79 -20.58
C HIS A 85 -24.25 5.24 -20.27
N ASN A 86 -23.40 5.49 -19.28
CA ASN A 86 -23.06 6.85 -18.92
C ASN A 86 -21.64 6.98 -18.34
N PRO A 87 -20.64 7.17 -19.22
CA PRO A 87 -19.21 7.27 -18.87
C PRO A 87 -18.85 8.36 -17.84
N ASP A 88 -19.73 9.33 -17.66
CA ASP A 88 -19.49 10.40 -16.71
C ASP A 88 -19.67 9.93 -15.25
N ARG A 89 -20.43 8.86 -15.10
CA ARG A 89 -20.70 8.33 -13.79
C ARG A 89 -19.54 7.51 -13.23
N LEU A 90 -19.38 7.59 -11.90
CA LEU A 90 -18.40 6.81 -11.19
C LEU A 90 -18.93 6.52 -9.80
N TYR A 91 -18.84 5.25 -9.39
CA TYR A 91 -19.19 4.84 -8.03
C TYR A 91 -18.01 4.14 -7.39
N LEU A 92 -17.73 4.53 -6.16
CA LEU A 92 -16.68 3.85 -5.39
C LEU A 92 -17.26 3.32 -4.07
N ALA A 93 -16.80 2.14 -3.67
CA ALA A 93 -17.08 1.66 -2.33
C ALA A 93 -15.79 1.81 -1.54
N GLN A 94 -15.88 2.57 -0.44
CA GLN A 94 -14.68 3.01 0.31
C GLN A 94 -14.68 2.55 1.79
N GLY A 95 -13.54 2.00 2.21
CA GLY A 95 -13.43 1.53 3.59
C GLY A 95 -12.52 0.33 3.69
N ASP A 96 -11.57 0.41 4.62
CA ASP A 96 -10.44 -0.51 4.69
C ASP A 96 -10.77 -1.79 5.41
N TYR A 97 -11.48 -1.71 6.53
CA TYR A 97 -11.50 -2.82 7.49
C TYR A 97 -12.87 -3.21 7.98
N VAL A 98 -13.22 -4.47 7.78
CA VAL A 98 -14.45 -5.02 8.36
C VAL A 98 -14.35 -4.99 9.88
N GLN A 99 -13.21 -5.40 10.42
CA GLN A 99 -13.04 -5.49 11.84
C GLN A 99 -12.91 -4.11 12.48
N TRP A 100 -12.05 -3.27 11.91
CA TRP A 100 -11.57 -2.11 12.68
C TRP A 100 -12.29 -0.83 12.47
N ASP A 101 -13.14 -0.76 11.43
CA ASP A 101 -13.71 0.54 11.02
C ASP A 101 -15.13 0.65 11.48
N PRO A 102 -15.50 1.82 12.01
CA PRO A 102 -16.86 1.96 12.58
C PRO A 102 -17.90 2.26 11.50
N TRP A 103 -17.42 2.69 10.34
CA TRP A 103 -18.30 2.81 9.20
C TRP A 103 -17.55 2.81 7.87
N ALA A 104 -18.32 2.73 6.79
CA ALA A 104 -17.78 2.79 5.44
C ALA A 104 -18.77 3.57 4.59
N ALA A 105 -18.46 3.74 3.30
CA ALA A 105 -19.14 4.73 2.47
C ALA A 105 -19.07 4.42 0.98
N PHE A 106 -20.07 4.94 0.26
CA PHE A 106 -20.09 4.97 -1.19
C PHE A 106 -19.83 6.41 -1.66
N LEU A 107 -19.04 6.53 -2.72
CA LEU A 107 -18.79 7.79 -3.38
C LEU A 107 -19.47 7.77 -4.77
N VAL A 108 -20.27 8.78 -5.02
CA VAL A 108 -21.01 8.91 -6.27
C VAL A 108 -20.57 10.19 -6.97
N SER A 109 -20.22 10.03 -8.25
CA SER A 109 -19.79 11.16 -9.05
C SER A 109 -20.48 11.19 -10.41
N ASP A 110 -20.87 12.40 -10.82
CA ASP A 110 -21.39 12.67 -12.16
C ASP A 110 -20.35 13.25 -13.12
N ASP A 111 -19.06 13.25 -12.75
CA ASP A 111 -18.02 13.90 -13.57
C ASP A 111 -16.67 13.19 -13.52
N ARG A 112 -16.72 11.85 -13.58
CA ARG A 112 -15.52 10.98 -13.60
C ARG A 112 -14.63 11.15 -12.35
N GLY A 113 -15.25 11.43 -11.21
CA GLY A 113 -14.52 11.53 -9.96
C GLY A 113 -13.80 12.84 -9.66
N LYS A 114 -14.09 13.91 -10.42
CA LYS A 114 -13.63 15.24 -10.06
C LYS A 114 -14.31 15.65 -8.76
N THR A 115 -15.61 15.34 -8.65
CA THR A 115 -16.38 15.64 -7.45
C THR A 115 -17.14 14.41 -7.02
N PHE A 116 -17.28 14.25 -5.72
CA PHE A 116 -18.10 13.21 -5.16
C PHE A 116 -19.17 13.72 -4.22
N LYS A 117 -20.28 12.99 -4.13
CA LYS A 117 -21.12 13.02 -2.92
C LYS A 117 -20.87 11.72 -2.13
N GLN A 118 -20.98 11.81 -0.81
CA GLN A 118 -20.69 10.66 0.03
C GLN A 118 -21.98 10.16 0.74
N TYR A 119 -22.19 8.84 0.74
CA TYR A 119 -23.33 8.23 1.43
C TYR A 119 -22.85 7.09 2.29
N ARG A 120 -23.41 7.04 3.50
CA ARG A 120 -23.00 6.09 4.51
C ARG A 120 -23.36 4.67 4.01
N SER A 121 -22.44 3.72 4.09
CA SER A 121 -22.73 2.33 3.78
C SER A 121 -23.47 1.63 4.93
N PRO A 122 -24.46 0.80 4.62
CA PRO A 122 -25.14 0.17 5.74
C PRO A 122 -24.34 -1.03 6.26
N VAL A 123 -23.29 -1.43 5.52
CA VAL A 123 -22.48 -2.59 5.85
C VAL A 123 -20.98 -2.25 5.84
N PRO A 124 -20.16 -2.94 6.66
CA PRO A 124 -18.74 -2.61 6.65
C PRO A 124 -18.07 -3.13 5.39
N MET A 125 -16.88 -2.61 5.10
CA MET A 125 -16.18 -2.96 3.87
C MET A 125 -14.75 -3.32 4.17
N GLY A 126 -14.07 -3.93 3.22
CA GLY A 126 -12.73 -4.37 3.47
C GLY A 126 -11.79 -4.30 2.30
N ALA A 127 -11.52 -3.08 1.86
CA ALA A 127 -10.53 -2.78 0.82
C ALA A 127 -9.16 -3.26 1.19
N ASN A 128 -8.86 -3.29 2.49
CA ASN A 128 -7.56 -3.80 2.90
C ASN A 128 -7.66 -5.17 3.60
N ASP A 129 -8.69 -5.95 3.28
CA ASP A 129 -8.87 -7.30 3.92
C ASP A 129 -8.52 -8.45 2.98
N MET A 130 -8.53 -9.67 3.50
CA MET A 130 -8.41 -10.85 2.64
C MET A 130 -9.51 -10.79 1.57
N GLY A 131 -9.20 -11.34 0.40
CA GLY A 131 -10.08 -11.34 -0.74
C GLY A 131 -10.32 -10.00 -1.45
N ARG A 132 -9.58 -8.95 -1.09
CA ARG A 132 -9.62 -7.68 -1.86
C ARG A 132 -9.13 -7.92 -3.28
N ASN A 133 -8.34 -8.98 -3.47
CA ASN A 133 -7.82 -9.37 -4.76
C ASN A 133 -8.94 -9.85 -5.65
N GLY A 134 -10.04 -10.25 -4.99
CA GLY A 134 -11.29 -10.64 -5.60
C GLY A 134 -12.11 -9.44 -5.99
N GLY A 135 -13.22 -9.73 -6.64
CA GLY A 135 -13.42 -9.24 -7.97
C GLY A 135 -14.70 -8.66 -8.45
N GLU A 136 -14.87 -7.42 -8.01
CA GLU A 136 -15.96 -6.48 -8.25
C GLU A 136 -17.29 -6.76 -7.58
N ARG A 137 -17.51 -6.05 -6.48
CA ARG A 137 -18.67 -6.26 -5.64
C ARG A 137 -19.79 -5.29 -5.99
N LEU A 138 -19.45 -4.05 -6.38
CA LEU A 138 -20.41 -3.06 -6.82
C LEU A 138 -20.64 -3.18 -8.30
N ALA A 139 -21.90 -3.10 -8.74
CA ALA A 139 -22.24 -3.18 -10.17
C ALA A 139 -23.51 -2.39 -10.49
N VAL A 140 -23.50 -1.66 -11.60
CA VAL A 140 -24.67 -0.95 -12.08
C VAL A 140 -25.46 -1.88 -12.97
N ASN A 141 -26.76 -1.98 -12.72
CA ASN A 141 -27.69 -2.63 -13.63
C ASN A 141 -27.77 -1.89 -14.96
N PRO A 142 -27.30 -2.51 -16.03
CA PRO A 142 -27.23 -1.80 -17.32
C PRO A 142 -28.63 -1.51 -17.87
N HIS A 143 -29.61 -2.28 -17.44
CA HIS A 143 -30.97 -2.17 -17.97
C HIS A 143 -31.84 -1.28 -17.09
N TRP A 144 -31.23 -0.72 -16.06
CA TRP A 144 -31.89 0.24 -15.17
C TRP A 144 -30.82 0.83 -14.31
N THR A 145 -30.32 1.99 -14.74
CA THR A 145 -29.03 2.49 -14.23
C THR A 145 -29.13 3.25 -12.91
N ASP A 146 -30.33 3.37 -12.36
CA ASP A 146 -30.50 3.86 -11.00
C ASP A 146 -30.21 2.76 -9.97
N GLU A 147 -30.32 1.51 -10.42
CA GLU A 147 -30.15 0.36 -9.58
C GLU A 147 -28.70 -0.12 -9.58
N LEU A 148 -28.15 -0.28 -8.39
CA LEU A 148 -26.84 -0.92 -8.17
C LEU A 148 -26.94 -2.02 -7.12
N TRP A 149 -26.16 -3.07 -7.32
CA TRP A 149 -25.96 -4.13 -6.33
C TRP A 149 -24.57 -3.97 -5.70
N PHE A 150 -24.39 -4.52 -4.50
CA PHE A 150 -23.09 -4.55 -3.85
C PHE A 150 -22.90 -5.87 -3.11
N GLY A 151 -21.91 -6.67 -3.50
CA GLY A 151 -21.65 -7.95 -2.80
C GLY A 151 -20.86 -7.72 -1.51
N SER A 152 -21.54 -7.65 -0.37
CA SER A 152 -20.89 -7.28 0.89
C SER A 152 -20.04 -8.43 1.44
N ARG A 153 -19.02 -8.05 2.24
CA ARG A 153 -18.18 -9.02 2.92
C ARG A 153 -18.86 -9.84 4.00
N THR A 154 -19.89 -9.29 4.66
CA THR A 154 -20.51 -9.96 5.82
C THR A 154 -22.02 -10.13 5.88
N GLN A 155 -22.77 -9.55 4.94
CA GLN A 155 -24.25 -9.45 5.04
C GLN A 155 -24.95 -9.58 3.71
N GLY A 156 -24.36 -10.42 2.85
CA GLY A 156 -24.97 -10.82 1.58
C GLY A 156 -24.99 -9.71 0.55
N LEU A 157 -25.93 -9.83 -0.39
CA LEU A 157 -26.09 -8.95 -1.52
C LEU A 157 -27.05 -7.83 -1.16
N TRP A 158 -26.62 -6.58 -1.42
CA TRP A 158 -27.38 -5.37 -1.09
C TRP A 158 -27.78 -4.63 -2.37
N ARG A 159 -28.91 -3.93 -2.35
CA ARG A 159 -29.51 -3.31 -3.56
C ARG A 159 -29.88 -1.87 -3.31
N SER A 160 -29.46 -0.99 -4.24
CA SER A 160 -29.87 0.40 -4.24
C SER A 160 -30.59 0.67 -5.55
N THR A 161 -31.71 1.40 -5.48
CA THR A 161 -32.45 1.86 -6.67
C THR A 161 -32.48 3.40 -6.72
N ASP A 162 -31.63 4.06 -5.94
CA ASP A 162 -31.56 5.53 -5.91
C ASP A 162 -30.14 6.02 -6.16
N ARG A 163 -29.44 5.36 -7.08
CA ARG A 163 -28.04 5.68 -7.44
C ARG A 163 -27.05 5.60 -6.25
N ALA A 164 -27.20 4.55 -5.45
CA ALA A 164 -26.28 4.21 -4.36
C ALA A 164 -26.43 5.09 -3.10
N GLN A 165 -27.47 5.90 -3.06
CA GLN A 165 -27.80 6.69 -1.88
C GLN A 165 -28.29 5.85 -0.68
N THR A 166 -29.33 5.02 -0.88
CA THR A 166 -29.84 4.14 0.17
C THR A 166 -29.92 2.69 -0.31
N TRP A 167 -29.99 1.74 0.64
CA TRP A 167 -29.64 0.36 0.36
C TRP A 167 -30.48 -0.61 1.18
N SER A 168 -30.85 -1.74 0.59
CA SER A 168 -31.58 -2.76 1.35
C SER A 168 -31.02 -4.13 1.01
N ARG A 169 -31.15 -5.06 1.95
CA ARG A 169 -30.57 -6.36 1.74
C ARG A 169 -31.50 -7.18 0.88
N MET A 170 -30.91 -7.93 -0.06
CA MET A 170 -31.61 -8.89 -0.89
C MET A 170 -31.49 -10.27 -0.19
N ASN A 171 -32.45 -10.52 0.69
CA ASN A 171 -32.54 -11.74 1.47
C ASN A 171 -32.77 -12.98 0.62
N GLN A 172 -33.25 -12.75 -0.60
CA GLN A 172 -33.55 -13.79 -1.56
C GLN A 172 -32.33 -14.51 -2.08
N LEU A 173 -31.14 -13.90 -1.92
CA LEU A 173 -29.89 -14.60 -2.18
C LEU A 173 -29.31 -15.23 -0.87
N PRO A 174 -29.39 -16.56 -0.73
CA PRO A 174 -28.73 -17.26 0.40
C PRO A 174 -27.23 -16.98 0.41
N ASP A 175 -26.68 -16.64 1.56
CA ASP A 175 -25.27 -16.31 1.65
C ASP A 175 -24.55 -17.22 2.63
N SER A 176 -23.93 -18.28 2.09
CA SER A 176 -23.15 -19.24 2.89
C SER A 176 -21.68 -18.92 2.82
N SER A 177 -21.35 -17.79 2.21
CA SER A 177 -19.94 -17.44 1.94
C SER A 177 -19.11 -17.28 3.20
N THR A 178 -17.80 -17.57 3.12
CA THR A 178 -16.98 -17.35 4.30
C THR A 178 -17.10 -15.92 4.88
N TYR A 179 -17.71 -15.86 6.07
CA TYR A 179 -17.98 -14.61 6.75
C TYR A 179 -16.81 -13.67 6.66
N GLY A 180 -17.02 -12.46 6.11
CA GLY A 180 -15.91 -11.52 5.96
C GLY A 180 -15.29 -11.51 4.57
N ILE A 181 -15.45 -12.58 3.78
CA ILE A 181 -15.14 -12.48 2.35
C ILE A 181 -16.39 -12.15 1.51
N GLY A 182 -17.46 -12.90 1.76
CA GLY A 182 -18.78 -12.58 1.26
C GLY A 182 -19.00 -12.91 -0.21
N ILE A 183 -19.86 -12.13 -0.85
CA ILE A 183 -20.10 -12.20 -2.28
C ILE A 183 -19.00 -11.40 -3.01
N ILE A 184 -17.94 -12.07 -3.44
CA ILE A 184 -16.79 -11.36 -4.03
C ILE A 184 -17.00 -10.69 -5.41
N SER A 185 -17.97 -11.17 -6.18
CA SER A 185 -18.03 -10.79 -7.58
C SER A 185 -19.49 -10.80 -8.05
N VAL A 186 -19.93 -9.66 -8.56
CA VAL A 186 -21.31 -9.40 -8.96
C VAL A 186 -21.28 -8.95 -10.40
N ILE A 187 -21.94 -9.68 -11.31
CA ILE A 187 -22.01 -9.20 -12.70
C ILE A 187 -23.38 -9.24 -13.27
N PHE A 188 -23.70 -8.22 -14.05
CA PHE A 188 -24.96 -8.17 -14.79
C PHE A 188 -24.78 -8.71 -16.20
N ASP A 189 -25.79 -9.43 -16.69
CA ASP A 189 -25.84 -9.82 -18.07
C ASP A 189 -26.19 -8.62 -18.96
N PRO A 190 -25.22 -8.14 -19.76
CA PRO A 190 -25.51 -6.97 -20.61
C PRO A 190 -26.50 -7.29 -21.74
N LYS A 191 -26.64 -8.59 -22.09
CA LYS A 191 -27.45 -9.03 -23.24
C LYS A 191 -28.87 -9.47 -22.89
N ASN A 192 -29.06 -10.12 -21.76
CA ASN A 192 -30.36 -10.62 -21.36
C ASN A 192 -30.86 -9.88 -20.13
N VAL A 193 -31.82 -9.00 -20.36
CA VAL A 193 -32.48 -8.24 -19.31
C VAL A 193 -32.94 -9.19 -18.19
N GLY A 194 -32.56 -8.81 -16.95
CA GLY A 194 -32.93 -9.53 -15.75
C GLY A 194 -32.04 -10.72 -15.44
N THR A 195 -31.04 -11.00 -16.26
CA THR A 195 -30.07 -12.04 -15.93
C THR A 195 -28.83 -11.47 -15.24
N ALA A 196 -28.42 -12.11 -14.16
CA ALA A 196 -27.24 -11.66 -13.41
C ALA A 196 -26.62 -12.85 -12.70
N TYR A 197 -25.32 -12.77 -12.47
CA TYR A 197 -24.55 -13.80 -11.78
C TYR A 197 -23.82 -13.15 -10.63
N VAL A 198 -23.75 -13.85 -9.53
CA VAL A 198 -23.13 -13.33 -8.34
C VAL A 198 -22.33 -14.50 -7.80
N ALA A 199 -21.10 -14.25 -7.37
CA ALA A 199 -20.29 -15.34 -6.88
C ALA A 199 -20.09 -15.25 -5.38
N SER A 200 -20.78 -16.15 -4.68
CA SER A 200 -20.55 -16.40 -3.27
C SER A 200 -19.22 -17.14 -3.04
N HIS A 201 -18.40 -16.65 -2.11
CA HIS A 201 -17.17 -17.37 -1.75
C HIS A 201 -17.49 -18.59 -0.89
N ALA A 202 -17.81 -19.68 -1.55
CA ALA A 202 -18.28 -20.92 -0.94
C ALA A 202 -18.39 -21.98 -2.03
N VAL A 203 -18.33 -23.23 -1.62
CA VAL A 203 -18.53 -24.40 -2.46
C VAL A 203 -19.86 -24.26 -3.19
N GLY A 204 -19.86 -24.43 -4.51
CA GLY A 204 -21.09 -24.28 -5.29
C GLY A 204 -21.60 -22.84 -5.19
N GLY A 205 -20.67 -21.89 -5.17
CA GLY A 205 -21.02 -20.51 -4.90
C GLY A 205 -21.52 -19.66 -6.06
N LEU A 206 -21.69 -20.26 -7.25
CA LEU A 206 -22.20 -19.50 -8.39
C LEU A 206 -23.72 -19.46 -8.37
N TRP A 207 -24.25 -18.26 -8.24
CA TRP A 207 -25.70 -18.05 -8.18
C TRP A 207 -26.13 -17.25 -9.39
N VAL A 208 -27.35 -17.53 -9.86
CA VAL A 208 -27.92 -16.89 -11.04
C VAL A 208 -29.30 -16.37 -10.72
N THR A 209 -29.67 -15.26 -11.33
CA THR A 209 -31.08 -14.80 -11.39
C THR A 209 -31.50 -14.55 -12.84
N TRP A 210 -32.76 -14.85 -13.16
CA TRP A 210 -33.37 -14.47 -14.45
C TRP A 210 -34.54 -13.50 -14.30
N ASP A 211 -34.72 -13.02 -13.07
CA ASP A 211 -35.96 -12.44 -12.56
C ASP A 211 -35.61 -10.99 -12.26
N GLY A 212 -34.40 -10.60 -12.65
CA GLY A 212 -33.79 -9.33 -12.24
C GLY A 212 -33.43 -9.26 -10.76
N GLY A 213 -33.12 -10.40 -10.15
CA GLY A 213 -32.73 -10.44 -8.75
C GLY A 213 -33.85 -10.77 -7.75
N ALA A 214 -35.07 -11.01 -8.23
CA ALA A 214 -36.15 -11.42 -7.33
C ALA A 214 -35.95 -12.84 -6.76
N ASN A 215 -35.66 -13.81 -7.65
CA ASN A 215 -35.35 -15.18 -7.32
C ASN A 215 -33.94 -15.58 -7.74
N TRP A 216 -33.34 -16.49 -6.98
CA TRP A 216 -31.96 -16.95 -7.17
C TRP A 216 -31.89 -18.47 -7.07
N SER A 217 -31.00 -19.07 -7.84
CA SER A 217 -30.71 -20.47 -7.69
C SER A 217 -29.24 -20.67 -8.07
N GLN A 218 -28.64 -21.76 -7.57
CA GLN A 218 -27.27 -22.09 -7.95
C GLN A 218 -27.22 -22.48 -9.43
N VAL A 219 -26.22 -21.98 -10.14
CA VAL A 219 -26.05 -22.36 -11.53
C VAL A 219 -25.94 -23.87 -11.59
N GLY A 220 -26.81 -24.51 -12.38
CA GLY A 220 -26.74 -25.97 -12.55
C GLY A 220 -25.42 -26.42 -13.18
N GLY A 221 -24.82 -27.48 -12.64
CA GLY A 221 -23.65 -28.14 -13.22
C GLY A 221 -22.28 -27.70 -12.71
N GLN A 222 -22.22 -26.60 -11.95
CA GLN A 222 -20.94 -25.99 -11.49
C GLN A 222 -20.12 -26.95 -10.64
N PRO A 223 -18.81 -26.86 -10.74
CA PRO A 223 -18.00 -27.77 -9.93
C PRO A 223 -18.22 -27.54 -8.42
N THR A 224 -18.57 -28.60 -7.71
CA THR A 224 -18.72 -28.55 -6.26
C THR A 224 -17.59 -29.32 -5.58
N GLN A 225 -16.70 -29.90 -6.37
CA GLN A 225 -15.53 -30.61 -5.83
C GLN A 225 -14.37 -30.35 -6.78
N TRP A 226 -13.15 -30.61 -6.29
CA TRP A 226 -11.92 -30.46 -7.06
C TRP A 226 -11.76 -31.48 -8.20
N SER A 227 -11.25 -31.02 -9.33
CA SER A 227 -11.00 -31.91 -10.47
C SER A 227 -9.91 -32.96 -10.13
N ASP A 228 -9.96 -34.10 -10.82
CA ASP A 228 -8.96 -35.17 -10.71
C ASP A 228 -7.57 -34.66 -10.89
N TRP A 229 -7.38 -33.70 -11.81
CA TRP A 229 -6.08 -33.07 -12.03
C TRP A 229 -5.60 -32.42 -10.71
N THR A 230 -6.46 -31.62 -10.10
CA THR A 230 -6.14 -30.99 -8.82
C THR A 230 -5.89 -32.07 -7.74
N LYS A 231 -6.81 -33.02 -7.61
CA LYS A 231 -6.65 -34.06 -6.64
C LYS A 231 -5.32 -34.80 -6.86
N SER A 232 -4.92 -34.98 -8.13
CA SER A 232 -3.68 -35.73 -8.42
C SER A 232 -2.47 -34.98 -7.90
N ILE A 233 -2.53 -33.65 -7.90
CA ILE A 233 -1.38 -32.91 -7.43
C ILE A 233 -1.35 -32.74 -5.92
N VAL A 234 -2.52 -32.64 -5.27
CA VAL A 234 -2.51 -32.67 -3.79
C VAL A 234 -1.96 -34.00 -3.29
N ALA A 235 -2.10 -35.06 -4.09
CA ALA A 235 -1.58 -36.37 -3.74
C ALA A 235 -0.09 -36.50 -4.08
N ALA A 236 0.32 -36.03 -5.26
CA ALA A 236 1.76 -36.05 -5.59
C ALA A 236 2.60 -35.11 -4.73
N SER A 237 2.07 -33.93 -4.40
CA SER A 237 2.86 -32.93 -3.64
C SER A 237 2.96 -33.20 -2.17
N GLY A 238 2.05 -34.01 -1.64
CA GLY A 238 1.98 -34.27 -0.20
C GLY A 238 1.27 -33.18 0.60
N THR A 239 0.88 -32.06 -0.04
CA THR A 239 0.24 -30.97 0.71
C THR A 239 -1.26 -30.76 0.46
N ALA A 240 -2.01 -30.68 1.56
CA ALA A 240 -3.49 -30.76 1.48
C ALA A 240 -4.13 -29.49 0.93
N ILE A 241 -5.28 -29.64 0.25
CA ILE A 241 -6.10 -28.51 -0.24
C ILE A 241 -6.81 -27.94 0.99
N GLN A 242 -7.20 -26.67 0.94
CA GLN A 242 -7.82 -26.05 2.12
C GLN A 242 -9.32 -25.95 1.97
N SER A 243 -9.87 -26.55 0.93
CA SER A 243 -11.32 -26.56 0.79
C SER A 243 -11.76 -27.85 0.15
N SER A 244 -13.02 -28.20 0.35
CA SER A 244 -13.55 -29.44 -0.24
C SER A 244 -14.04 -29.27 -1.68
N GLY A 245 -14.14 -28.02 -2.12
CA GLY A 245 -14.55 -27.64 -3.47
C GLY A 245 -13.97 -26.28 -3.88
N PRO A 246 -13.92 -26.00 -5.21
CA PRO A 246 -13.39 -24.71 -5.70
C PRO A 246 -14.12 -23.52 -5.04
N LEU A 247 -13.38 -22.45 -4.75
CA LEU A 247 -13.96 -21.28 -4.14
C LEU A 247 -13.79 -20.11 -5.11
N PRO A 248 -14.92 -19.50 -5.53
CA PRO A 248 -14.92 -18.37 -6.46
C PRO A 248 -14.06 -17.22 -5.97
N ILE A 249 -13.31 -16.63 -6.89
CA ILE A 249 -12.60 -15.38 -6.68
C ILE A 249 -13.24 -14.27 -7.57
N LYS A 250 -13.54 -14.59 -8.83
CA LYS A 250 -13.97 -13.58 -9.81
C LYS A 250 -14.76 -14.21 -10.93
N ILE A 251 -15.67 -13.44 -11.51
CA ILE A 251 -16.46 -13.94 -12.64
C ILE A 251 -16.63 -12.83 -13.68
N ALA A 252 -16.84 -13.21 -14.94
CA ALA A 252 -17.05 -12.22 -16.00
C ALA A 252 -17.68 -12.85 -17.22
N LEU A 253 -18.49 -12.04 -17.90
CA LEU A 253 -19.16 -12.44 -19.10
C LEU A 253 -18.42 -11.87 -20.29
N GLY A 254 -17.94 -12.74 -21.18
CA GLY A 254 -17.48 -12.28 -22.48
C GLY A 254 -18.62 -11.70 -23.30
N LYS A 255 -18.25 -10.94 -24.33
CA LYS A 255 -19.25 -10.46 -25.30
C LYS A 255 -19.74 -11.63 -26.14
N ASN A 256 -19.03 -12.76 -26.09
CA ASN A 256 -19.45 -14.00 -26.78
C ASN A 256 -20.59 -14.68 -26.02
N GLY A 257 -20.94 -14.10 -24.87
CA GLY A 257 -21.94 -14.67 -23.95
C GLY A 257 -21.34 -15.61 -22.89
N ARG A 258 -20.07 -15.98 -23.03
CA ARG A 258 -19.48 -17.02 -22.18
C ARG A 258 -19.12 -16.48 -20.79
N LEU A 259 -19.36 -17.32 -19.79
CA LEU A 259 -19.10 -16.94 -18.38
C LEU A 259 -17.80 -17.60 -17.90
N TYR A 260 -16.86 -16.80 -17.42
CA TYR A 260 -15.60 -17.31 -16.93
C TYR A 260 -15.51 -17.15 -15.43
N ILE A 261 -14.88 -18.11 -14.77
CA ILE A 261 -14.80 -18.06 -13.32
C ILE A 261 -13.45 -18.57 -12.89
N THR A 262 -12.78 -17.80 -12.03
CA THR A 262 -11.59 -18.26 -11.38
C THR A 262 -11.86 -18.73 -9.95
N TYR A 263 -11.24 -19.86 -9.60
CA TYR A 263 -11.35 -20.43 -8.27
C TYR A 263 -10.02 -20.63 -7.58
N SER A 264 -10.08 -20.57 -6.24
CA SER A 264 -8.96 -20.92 -5.40
C SER A 264 -9.43 -21.70 -4.18
N ASP A 265 -8.49 -22.11 -3.33
CA ASP A 265 -8.89 -22.90 -2.15
C ASP A 265 -8.86 -22.05 -0.87
N ALA A 266 -8.53 -20.77 -1.07
CA ALA A 266 -8.47 -19.75 -0.04
C ALA A 266 -8.84 -18.44 -0.76
N PRO A 267 -9.26 -17.39 -0.01
CA PRO A 267 -9.67 -16.13 -0.61
C PRO A 267 -8.57 -15.31 -1.25
N GLY A 268 -7.34 -15.49 -0.79
CA GLY A 268 -6.19 -14.70 -1.23
C GLY A 268 -6.12 -13.42 -0.41
N PRO A 269 -5.19 -12.49 -0.73
CA PRO A 269 -4.19 -12.50 -1.82
C PRO A 269 -2.92 -13.30 -1.60
N TRP A 270 -2.59 -13.64 -0.34
CA TRP A 270 -1.57 -14.67 0.02
C TRP A 270 -2.32 -15.89 0.57
N GLY A 271 -1.66 -17.05 0.64
CA GLY A 271 -2.26 -18.16 1.35
C GLY A 271 -3.01 -19.19 0.53
N VAL A 272 -3.15 -18.94 -0.76
CA VAL A 272 -3.82 -19.89 -1.66
C VAL A 272 -2.80 -20.98 -2.04
N LEU A 273 -3.27 -22.19 -2.33
CA LEU A 273 -2.37 -23.31 -2.65
C LEU A 273 -2.83 -24.01 -3.93
N TYR A 274 -4.12 -23.89 -4.21
CA TYR A 274 -4.73 -24.59 -5.32
C TYR A 274 -5.80 -23.73 -5.98
N GLY A 275 -6.28 -24.18 -7.13
CA GLY A 275 -7.30 -23.46 -7.84
C GLY A 275 -7.53 -23.96 -9.24
N GLU A 276 -8.62 -23.49 -9.84
CA GLU A 276 -8.99 -23.87 -11.19
C GLU A 276 -9.61 -22.70 -11.95
N VAL A 277 -9.60 -22.78 -13.29
CA VAL A 277 -10.38 -21.83 -14.07
C VAL A 277 -11.43 -22.55 -14.91
N TRP A 278 -12.69 -22.15 -14.81
CA TRP A 278 -13.72 -22.76 -15.65
C TRP A 278 -14.39 -21.73 -16.52
N SER A 279 -15.00 -22.22 -17.59
CA SER A 279 -16.00 -21.49 -18.39
C SER A 279 -17.36 -22.19 -18.33
N TYR A 280 -18.42 -21.41 -18.52
CA TYR A 280 -19.77 -21.95 -18.52
C TYR A 280 -20.52 -21.27 -19.65
N ASP A 281 -21.36 -22.04 -20.34
CA ASP A 281 -22.11 -21.56 -21.49
C ASP A 281 -23.60 -21.53 -21.18
N PRO A 282 -24.15 -20.33 -20.92
CA PRO A 282 -25.54 -20.14 -20.48
C PRO A 282 -26.56 -20.60 -21.53
N THR A 283 -26.06 -20.88 -22.72
CA THR A 283 -26.82 -21.24 -23.91
C THR A 283 -27.17 -22.72 -23.89
N ASN A 284 -26.34 -23.53 -23.23
CA ASN A 284 -26.56 -24.99 -23.21
C ASN A 284 -26.08 -25.72 -21.94
N GLY A 285 -25.70 -24.95 -20.92
CA GLY A 285 -25.32 -25.52 -19.66
C GLY A 285 -23.97 -26.22 -19.64
N ASN A 286 -23.16 -26.01 -20.69
CA ASN A 286 -21.84 -26.67 -20.74
C ASN A 286 -20.80 -26.00 -19.85
N TRP A 287 -20.17 -26.83 -19.02
CA TRP A 287 -19.02 -26.47 -18.23
C TRP A 287 -17.76 -27.00 -18.93
N LYS A 288 -16.73 -26.17 -19.00
CA LYS A 288 -15.45 -26.72 -19.41
C LYS A 288 -14.41 -26.29 -18.41
N HIS A 289 -13.52 -27.22 -18.10
CA HIS A 289 -12.35 -26.97 -17.30
C HIS A 289 -11.24 -26.37 -18.17
N ILE A 290 -10.90 -25.13 -17.82
CA ILE A 290 -10.23 -24.22 -18.73
C ILE A 290 -8.83 -23.88 -18.22
N THR A 291 -8.51 -24.35 -17.00
CA THR A 291 -7.25 -24.05 -16.29
C THR A 291 -6.02 -24.18 -17.21
N PRO A 292 -5.29 -23.05 -17.44
CA PRO A 292 -4.26 -23.06 -18.46
C PRO A 292 -3.07 -23.93 -18.18
N SER A 293 -2.76 -24.20 -16.91
CA SER A 293 -1.57 -24.99 -16.60
C SER A 293 -1.82 -26.48 -16.40
N ARG A 294 -3.06 -26.92 -16.65
CA ARG A 294 -3.44 -28.29 -16.37
C ARG A 294 -2.82 -29.18 -17.46
N GLU A 295 -2.67 -30.48 -17.22
CA GLU A 295 -2.08 -31.31 -18.28
C GLU A 295 -3.17 -31.47 -19.29
N GLY A 296 -2.80 -31.58 -20.56
CA GLY A 296 -3.79 -31.75 -21.57
C GLY A 296 -3.88 -30.60 -22.52
N ALA A 297 -4.53 -29.51 -22.11
CA ALA A 297 -5.06 -28.58 -23.14
C ALA A 297 -4.30 -27.29 -23.55
N ASN A 298 -3.40 -27.47 -24.51
CA ASN A 298 -3.08 -26.49 -25.54
C ASN A 298 -2.54 -25.17 -25.06
N THR A 299 -1.46 -25.26 -24.29
CA THR A 299 -0.85 -24.09 -23.73
C THR A 299 0.56 -24.04 -24.22
N TYR A 300 0.94 -22.90 -24.77
CA TYR A 300 2.28 -22.69 -25.27
C TYR A 300 2.88 -21.46 -24.61
N PRO A 301 4.12 -21.55 -24.11
CA PRO A 301 4.92 -22.79 -23.97
C PRO A 301 4.25 -23.79 -23.06
N ALA A 302 4.68 -25.03 -23.18
CA ALA A 302 4.12 -26.12 -22.42
C ALA A 302 4.26 -25.85 -20.93
N PRO A 303 3.19 -26.09 -20.14
CA PRO A 303 3.25 -26.02 -18.67
C PRO A 303 4.34 -26.94 -18.13
N THR A 304 5.11 -26.46 -17.15
CA THR A 304 6.08 -27.26 -16.43
C THR A 304 5.53 -28.64 -16.07
N GLY A 305 4.29 -28.70 -15.55
CA GLY A 305 3.57 -29.97 -15.29
C GLY A 305 4.13 -30.81 -14.14
N ASN A 306 4.95 -30.16 -13.31
CA ASN A 306 5.50 -30.72 -12.07
C ASN A 306 4.43 -30.82 -10.94
N LYS A 307 4.00 -32.04 -10.66
CA LYS A 307 2.97 -32.30 -9.66
C LYS A 307 3.53 -32.40 -8.22
N LYS A 308 4.83 -32.18 -8.06
CA LYS A 308 5.49 -32.26 -6.77
C LYS A 308 5.31 -30.98 -5.96
N VAL A 309 5.06 -29.88 -6.65
CA VAL A 309 4.91 -28.60 -5.97
C VAL A 309 3.45 -28.14 -6.06
N VAL A 310 2.96 -27.45 -5.03
CA VAL A 310 1.62 -26.85 -5.06
C VAL A 310 1.62 -25.83 -6.16
N PRO A 311 0.53 -25.81 -6.96
CA PRO A 311 0.44 -24.91 -8.10
C PRO A 311 -0.06 -23.50 -7.76
N GLY A 312 -0.57 -23.26 -6.54
CA GLY A 312 -1.34 -22.05 -6.26
C GLY A 312 -2.65 -22.01 -7.04
N GLY A 313 -3.36 -20.88 -7.02
CA GLY A 313 -4.71 -20.82 -7.60
C GLY A 313 -4.86 -19.77 -8.68
N TRP A 314 -6.08 -19.25 -8.84
CA TRP A 314 -6.39 -18.34 -9.94
C TRP A 314 -7.11 -17.06 -9.48
N ASN A 315 -6.81 -15.94 -10.12
CA ASN A 315 -7.45 -14.69 -9.71
C ASN A 315 -8.08 -13.90 -10.88
N GLY A 316 -7.25 -13.22 -11.65
CA GLY A 316 -7.72 -12.25 -12.65
C GLY A 316 -8.45 -12.80 -13.86
N ILE A 317 -9.36 -11.99 -14.37
CA ILE A 317 -10.08 -12.24 -15.64
C ILE A 317 -10.30 -10.92 -16.38
N SER A 318 -9.98 -10.91 -17.67
CA SER A 318 -10.44 -9.82 -18.52
C SER A 318 -10.83 -10.45 -19.83
N VAL A 319 -11.87 -9.91 -20.44
CA VAL A 319 -12.38 -10.46 -21.66
C VAL A 319 -12.23 -9.43 -22.75
N GLY A 320 -12.03 -9.90 -23.98
CA GLY A 320 -11.84 -9.02 -25.12
C GLY A 320 -12.72 -9.40 -26.29
N ASN A 321 -12.22 -9.18 -27.50
CA ASN A 321 -13.03 -9.37 -28.69
C ASN A 321 -12.97 -10.80 -29.20
N GLY A 322 -13.97 -11.16 -30.00
CA GLY A 322 -14.15 -12.55 -30.47
C GLY A 322 -14.41 -13.38 -29.21
N ASP A 323 -13.55 -14.37 -28.99
CA ASP A 323 -13.58 -15.22 -27.83
C ASP A 323 -12.32 -15.00 -26.97
N THR A 324 -11.73 -13.81 -27.08
CA THR A 324 -10.54 -13.45 -26.31
C THR A 324 -10.86 -13.37 -24.81
N VAL A 325 -10.06 -14.07 -24.02
CA VAL A 325 -10.07 -13.94 -22.57
C VAL A 325 -8.66 -14.12 -22.03
N VAL A 326 -8.39 -13.40 -20.95
CA VAL A 326 -7.11 -13.46 -20.32
C VAL A 326 -7.36 -13.77 -18.84
N VAL A 327 -6.53 -14.63 -18.26
CA VAL A 327 -6.61 -14.96 -16.84
C VAL A 327 -5.21 -15.01 -16.17
N SER A 328 -5.20 -14.90 -14.84
CA SER A 328 -3.92 -14.84 -14.11
C SER A 328 -3.89 -15.75 -12.88
N THR A 329 -2.71 -16.21 -12.51
CA THR A 329 -2.59 -17.10 -11.37
C THR A 329 -2.70 -16.31 -10.08
N LEU A 330 -2.71 -17.03 -8.97
CA LEU A 330 -2.65 -16.40 -7.63
C LEU A 330 -1.75 -17.26 -6.76
N ASP A 331 -0.63 -16.71 -6.26
CA ASP A 331 0.27 -17.48 -5.38
C ASP A 331 0.93 -18.71 -6.07
N ALA A 332 1.18 -18.62 -7.37
CA ALA A 332 1.85 -19.71 -8.08
C ALA A 332 3.34 -19.46 -7.98
N ASN A 333 3.64 -18.58 -7.03
CA ASN A 333 4.85 -17.77 -6.94
C ASN A 333 5.97 -18.58 -7.56
N GLY A 334 6.47 -18.15 -8.72
CA GLY A 334 7.47 -18.93 -9.57
C GLY A 334 6.88 -19.23 -10.99
N GLU A 335 5.70 -19.83 -10.98
CA GLU A 335 4.89 -20.01 -12.15
C GLU A 335 3.90 -18.86 -12.31
N ASP A 336 3.94 -17.85 -11.43
CA ASP A 336 2.95 -16.78 -11.47
C ASP A 336 2.95 -16.20 -12.89
N SER A 337 1.76 -16.12 -13.50
CA SER A 337 1.70 -15.77 -14.90
C SER A 337 0.32 -15.27 -15.37
N VAL A 338 0.30 -14.60 -16.52
CA VAL A 338 -0.93 -14.22 -17.22
C VAL A 338 -1.03 -15.06 -18.50
N TYR A 339 -2.25 -15.50 -18.84
CA TYR A 339 -2.47 -16.36 -20.00
C TYR A 339 -3.48 -15.78 -20.95
N LEU A 340 -3.25 -15.94 -22.26
CA LEU A 340 -4.11 -15.38 -23.34
C LEU A 340 -4.70 -16.51 -24.19
N SER A 341 -6.00 -16.43 -24.44
CA SER A 341 -6.76 -17.37 -25.27
C SER A 341 -7.59 -16.54 -26.26
N ARG A 342 -7.73 -17.02 -27.49
CA ARG A 342 -8.53 -16.37 -28.53
C ARG A 342 -9.69 -17.28 -28.74
N ASP A 343 -9.90 -18.11 -27.73
CA ASP A 343 -10.49 -19.41 -27.86
C ASP A 343 -11.59 -19.69 -26.83
N ALA A 344 -11.90 -18.73 -25.96
CA ALA A 344 -12.74 -19.03 -24.78
C ALA A 344 -12.12 -20.14 -23.88
N GLY A 345 -10.80 -20.26 -23.89
CA GLY A 345 -10.13 -21.12 -22.97
C GLY A 345 -9.79 -22.50 -23.48
N ASN A 346 -10.07 -22.79 -24.75
CA ASN A 346 -9.64 -24.07 -25.32
C ASN A 346 -8.11 -24.17 -25.55
N SER A 347 -7.45 -23.03 -25.64
CA SER A 347 -6.00 -22.98 -25.85
C SER A 347 -5.49 -21.60 -25.43
N TRP A 348 -4.18 -21.52 -25.13
CA TRP A 348 -3.62 -20.40 -24.41
C TRP A 348 -2.19 -20.16 -24.82
N LYS A 349 -1.77 -18.92 -24.66
CA LYS A 349 -0.39 -18.57 -24.64
C LYS A 349 -0.02 -18.19 -23.20
N ASP A 350 1.14 -18.66 -22.75
CA ASP A 350 1.62 -18.36 -21.43
C ASP A 350 2.54 -17.14 -21.52
N LEU A 351 1.98 -15.97 -21.22
CA LEU A 351 2.71 -14.70 -21.34
C LEU A 351 3.94 -14.65 -20.46
N GLY A 352 3.85 -15.26 -19.28
CA GLY A 352 4.97 -15.30 -18.34
C GLY A 352 6.17 -16.03 -18.91
N LYS A 353 5.95 -17.26 -19.33
CA LYS A 353 7.04 -18.02 -19.96
C LYS A 353 7.60 -17.36 -21.24
N LEU A 354 6.72 -16.83 -22.09
CA LEU A 354 7.13 -16.22 -23.35
C LEU A 354 8.13 -15.11 -23.13
N THR A 355 7.98 -14.37 -22.04
CA THR A 355 8.84 -13.23 -21.75
C THR A 355 10.08 -13.59 -20.90
N THR A 356 10.07 -14.79 -20.32
CA THR A 356 11.16 -15.23 -19.46
C THR A 356 12.43 -15.51 -20.29
N PRO A 357 13.47 -14.69 -20.08
CA PRO A 357 14.73 -14.96 -20.77
C PRO A 357 15.22 -16.39 -20.52
N ALA A 358 15.78 -17.01 -21.55
CA ALA A 358 16.44 -18.31 -21.42
C ALA A 358 17.31 -18.32 -20.14
N GLY A 359 17.19 -19.37 -19.34
CA GLY A 359 18.01 -19.54 -18.12
C GLY A 359 17.56 -18.75 -16.89
N ALA A 360 16.26 -18.54 -16.73
CA ALA A 360 15.74 -17.99 -15.46
C ALA A 360 14.82 -19.06 -14.88
N GLY A 361 14.98 -19.34 -13.58
CA GLY A 361 14.04 -20.23 -12.86
C GLY A 361 12.62 -19.72 -13.01
N GLY A 362 12.25 -18.74 -12.20
CA GLY A 362 10.91 -18.19 -12.24
C GLY A 362 10.61 -17.36 -13.47
N ASN A 363 9.32 -17.19 -13.76
CA ASN A 363 8.91 -16.25 -14.78
C ASN A 363 9.48 -14.89 -14.39
N SER A 364 10.06 -14.22 -15.37
CA SER A 364 10.79 -13.01 -15.08
C SER A 364 10.62 -11.93 -16.16
N GLN A 365 10.85 -10.68 -15.77
CA GLN A 365 11.01 -9.65 -16.77
C GLN A 365 12.46 -9.30 -16.82
N LYS A 366 12.89 -8.74 -17.95
CA LYS A 366 14.26 -8.26 -18.04
C LYS A 366 14.37 -7.03 -17.13
N GLU A 367 15.49 -6.94 -16.42
CA GLU A 367 15.81 -5.75 -15.66
C GLU A 367 15.87 -4.49 -16.55
N SER A 368 16.40 -4.60 -17.78
CA SER A 368 16.43 -3.46 -18.73
C SER A 368 15.01 -3.03 -19.18
N ASP A 369 14.01 -3.87 -18.94
CA ASP A 369 12.62 -3.50 -19.23
C ASP A 369 11.90 -2.88 -18.02
N ALA A 370 12.56 -2.90 -16.86
CA ALA A 370 11.96 -2.46 -15.63
C ALA A 370 11.95 -0.95 -15.52
N LYS A 371 11.15 -0.32 -16.36
CA LYS A 371 11.20 1.14 -16.53
C LYS A 371 9.92 1.67 -17.11
N LEU A 372 9.63 2.95 -16.86
CA LEU A 372 8.43 3.57 -17.41
C LEU A 372 8.57 3.66 -18.95
N ARG A 373 7.48 3.99 -19.64
CA ARG A 373 7.51 3.92 -21.09
C ARG A 373 8.54 4.86 -21.66
N ASN A 374 8.76 5.97 -20.97
CA ASN A 374 9.72 6.99 -21.39
C ASN A 374 11.17 6.59 -21.05
N GLY A 375 11.35 5.45 -20.42
CA GLY A 375 12.70 4.98 -20.14
C GLY A 375 13.24 5.19 -18.72
N THR A 376 12.51 5.91 -17.86
CA THR A 376 13.03 6.00 -16.51
C THR A 376 12.91 4.68 -15.72
N PRO A 377 14.04 4.25 -15.13
CA PRO A 377 14.04 2.93 -14.46
C PRO A 377 13.34 3.01 -13.11
N LEU A 378 12.98 1.84 -12.57
CA LEU A 378 12.53 1.72 -11.20
C LEU A 378 13.54 0.80 -10.53
N PRO A 379 14.67 1.38 -10.11
CA PRO A 379 15.76 0.56 -9.64
C PRO A 379 15.36 -0.31 -8.46
N TRP A 380 14.45 0.17 -7.61
CA TRP A 380 14.06 -0.56 -6.38
C TRP A 380 13.32 -1.90 -6.63
N LEU A 381 12.77 -2.05 -7.84
CA LEU A 381 11.99 -3.24 -8.19
C LEU A 381 12.86 -4.48 -8.25
N SER A 382 14.18 -4.26 -8.27
CA SER A 382 15.21 -5.33 -8.20
C SER A 382 15.39 -5.91 -6.80
N PHE A 383 14.98 -5.15 -5.78
CA PHE A 383 15.15 -5.53 -4.37
C PHE A 383 16.61 -5.77 -4.06
N GLN A 384 16.97 -6.97 -3.62
CA GLN A 384 18.37 -7.28 -3.24
C GLN A 384 19.25 -7.68 -4.44
N ASN A 385 18.63 -7.87 -5.62
CA ASN A 385 19.32 -8.41 -6.79
C ASN A 385 19.54 -7.38 -7.89
N ARG A 386 19.94 -6.16 -7.54
CA ARG A 386 20.16 -5.13 -8.53
C ARG A 386 21.42 -5.44 -9.35
N GLY A 387 21.28 -5.49 -10.68
CA GLY A 387 22.36 -5.86 -11.60
C GLY A 387 22.31 -7.32 -12.04
N SER A 388 21.35 -8.10 -11.53
CA SER A 388 21.25 -9.50 -11.93
C SER A 388 20.78 -9.69 -13.38
N GLY A 389 20.16 -8.65 -13.96
CA GLY A 389 19.66 -8.71 -15.34
C GLY A 389 18.20 -9.12 -15.42
N ILE A 390 17.62 -9.50 -14.28
CA ILE A 390 16.30 -10.11 -14.29
C ILE A 390 15.44 -9.68 -13.08
N VAL A 391 14.17 -9.34 -13.29
CA VAL A 391 13.25 -9.17 -12.12
C VAL A 391 12.10 -10.15 -12.20
N GLY A 392 11.37 -10.30 -11.09
CA GLY A 392 10.22 -11.24 -11.07
C GLY A 392 9.16 -10.79 -12.09
N PHE A 393 8.45 -11.73 -12.69
CA PHE A 393 7.41 -11.37 -13.63
C PHE A 393 6.29 -10.69 -12.88
N GLY A 394 6.20 -10.93 -11.58
CA GLY A 394 5.16 -10.32 -10.75
C GLY A 394 4.44 -11.33 -9.90
N TRP A 395 3.95 -10.88 -8.75
CA TRP A 395 3.20 -11.72 -7.80
C TRP A 395 1.92 -11.01 -7.44
N TRP A 396 0.95 -11.72 -6.86
CA TRP A 396 -0.39 -11.17 -6.62
C TRP A 396 -0.91 -10.54 -7.95
N LEU A 397 -0.86 -11.31 -9.02
CA LEU A 397 -1.41 -10.90 -10.31
C LEU A 397 -2.94 -10.88 -10.27
N ALA A 398 -3.51 -10.16 -9.31
CA ALA A 398 -4.97 -10.14 -9.16
C ALA A 398 -5.66 -9.36 -10.26
N ALA A 399 -5.18 -8.14 -10.52
CA ALA A 399 -5.86 -7.19 -11.42
C ALA A 399 -5.27 -7.21 -12.80
N ILE A 400 -6.04 -7.67 -13.79
CA ILE A 400 -5.58 -7.71 -15.20
C ILE A 400 -6.64 -7.08 -16.07
N LEU A 401 -6.23 -6.49 -17.20
CA LEU A 401 -7.13 -5.71 -18.06
C LEU A 401 -6.65 -5.68 -19.50
N LEU A 402 -7.51 -6.16 -20.39
CA LEU A 402 -7.38 -5.89 -21.82
C LEU A 402 -8.09 -4.57 -22.08
N ASP A 403 -7.41 -3.63 -22.71
CA ASP A 403 -8.04 -2.39 -23.12
C ASP A 403 -9.15 -2.74 -24.11
N PRO A 404 -10.42 -2.37 -23.82
CA PRO A 404 -11.44 -2.72 -24.84
C PRO A 404 -11.30 -1.89 -26.14
N PHE A 405 -10.45 -0.86 -26.16
CA PHE A 405 -10.33 0.01 -27.33
C PHE A 405 -8.94 -0.02 -27.98
N SER A 406 -8.10 -0.96 -27.55
CA SER A 406 -6.77 -1.09 -28.13
C SER A 406 -6.28 -2.51 -28.01
N ASP A 407 -4.98 -2.67 -28.20
CA ASP A 407 -4.29 -3.93 -28.05
C ASP A 407 -3.50 -3.93 -26.76
N ARG A 408 -3.75 -2.98 -25.84
CA ARG A 408 -3.01 -2.98 -24.55
C ARG A 408 -3.50 -4.08 -23.58
N LEU A 409 -2.55 -4.55 -22.76
CA LEU A 409 -2.82 -5.43 -21.63
C LEU A 409 -2.05 -4.85 -20.45
N LEU A 410 -2.77 -4.64 -19.34
CA LEU A 410 -2.19 -4.25 -18.07
C LEU A 410 -2.25 -5.44 -17.11
N TYR A 411 -1.27 -5.62 -16.23
CA TYR A 411 -1.43 -6.51 -15.10
C TYR A 411 -0.82 -5.91 -13.88
N GLY A 412 -1.53 -5.99 -12.77
CA GLY A 412 -1.02 -5.44 -11.52
C GLY A 412 -0.27 -6.49 -10.73
N THR A 413 0.57 -6.05 -9.81
CA THR A 413 1.30 -6.94 -8.92
C THR A 413 1.11 -6.44 -7.49
N GLY A 414 1.81 -7.02 -6.52
CA GLY A 414 1.92 -6.43 -5.20
C GLY A 414 2.80 -5.17 -5.19
N ALA A 415 3.28 -4.73 -6.37
CA ALA A 415 4.20 -3.58 -6.42
C ALA A 415 3.99 -2.58 -7.55
N VAL A 416 3.58 -3.03 -8.72
CA VAL A 416 3.52 -2.12 -9.87
C VAL A 416 2.41 -2.53 -10.82
N ILE A 417 2.24 -1.77 -11.90
CA ILE A 417 1.49 -2.20 -13.05
C ILE A 417 2.48 -2.38 -14.18
N TRP A 418 2.44 -3.56 -14.81
CA TRP A 418 3.10 -3.80 -16.08
C TRP A 418 2.06 -3.63 -17.19
N ALA A 419 2.52 -3.17 -18.35
CA ALA A 419 1.65 -3.02 -19.51
C ALA A 419 2.35 -3.41 -20.81
N THR A 420 1.57 -3.73 -21.83
CA THR A 420 2.11 -3.76 -23.20
C THR A 420 1.21 -2.96 -24.16
N ASP A 421 1.77 -2.34 -25.18
CA ASP A 421 0.94 -1.60 -26.15
C ASP A 421 0.33 -2.52 -27.17
N ALA A 422 0.84 -3.75 -27.22
CA ALA A 422 0.42 -4.78 -28.17
C ALA A 422 0.47 -6.20 -27.56
N VAL A 423 -0.64 -6.68 -27.02
CA VAL A 423 -0.67 -8.07 -26.53
C VAL A 423 -0.68 -9.09 -27.67
N SER A 424 -1.05 -8.65 -28.87
CA SER A 424 -1.25 -9.59 -29.98
C SER A 424 0.05 -10.21 -30.51
N ARG A 425 1.20 -9.70 -30.08
CA ARG A 425 2.46 -10.39 -30.37
C ARG A 425 2.44 -11.84 -29.88
N ALA A 426 1.72 -12.08 -28.79
CA ALA A 426 1.62 -13.43 -28.23
C ALA A 426 0.98 -14.38 -29.25
N ASP A 427 0.21 -13.86 -30.21
CA ASP A 427 -0.45 -14.74 -31.21
C ASP A 427 0.56 -15.44 -32.12
N SER A 428 1.69 -14.78 -32.42
CA SER A 428 2.76 -15.39 -33.18
C SER A 428 3.79 -16.07 -32.27
N ASN A 429 3.39 -16.41 -31.06
CA ASN A 429 4.29 -17.10 -30.09
C ASN A 429 5.49 -16.28 -29.64
N GLN A 430 5.33 -14.96 -29.62
CA GLN A 430 6.42 -14.07 -29.17
C GLN A 430 5.94 -13.29 -27.98
N ALA A 431 6.88 -12.79 -27.21
CA ALA A 431 6.58 -12.11 -25.99
C ALA A 431 6.12 -10.70 -26.31
N PRO A 432 5.03 -10.24 -25.69
CA PRO A 432 4.68 -8.81 -25.85
C PRO A 432 5.86 -7.98 -25.38
N SER A 433 5.98 -6.72 -25.83
CA SER A 433 6.99 -5.81 -25.33
C SER A 433 6.35 -5.11 -24.16
N TRP A 434 7.06 -5.06 -23.04
CA TRP A 434 6.53 -4.44 -21.82
C TRP A 434 7.30 -3.24 -21.26
N TYR A 435 6.61 -2.57 -20.38
CA TYR A 435 7.15 -1.48 -19.60
C TYR A 435 6.28 -1.39 -18.34
N ILE A 436 6.76 -0.58 -17.39
CA ILE A 436 6.04 -0.34 -16.15
C ILE A 436 5.15 0.85 -16.36
N ASN A 437 3.92 0.80 -15.87
CA ASN A 437 2.94 1.82 -16.14
C ASN A 437 2.33 2.33 -14.82
N THR A 438 3.23 2.84 -13.97
CA THR A 438 2.86 3.36 -12.67
C THR A 438 2.91 4.89 -12.57
N GLU A 439 3.21 5.59 -13.66
CA GLU A 439 3.24 7.07 -13.65
C GLU A 439 2.09 7.59 -12.78
N GLY A 440 2.42 8.41 -11.78
CA GLY A 440 1.42 9.13 -11.00
C GLY A 440 0.96 8.41 -9.75
N ILE A 441 1.12 7.08 -9.72
CA ILE A 441 0.72 6.27 -8.57
C ILE A 441 1.83 6.31 -7.51
N GLU A 442 1.47 6.70 -6.28
CA GLU A 442 2.31 6.45 -5.09
C GLU A 442 1.48 5.75 -4.02
N GLU A 443 1.77 4.48 -3.81
CA GLU A 443 0.98 3.67 -2.92
C GLU A 443 1.78 3.22 -1.68
N THR A 444 2.98 3.77 -1.47
CA THR A 444 3.76 3.33 -0.31
C THR A 444 3.20 3.78 1.07
N ALA A 445 3.50 2.94 2.06
CA ALA A 445 3.17 3.22 3.43
C ALA A 445 4.50 3.56 4.11
N ILE A 446 4.71 4.83 4.34
CA ILE A 446 6.01 5.27 4.81
C ILE A 446 6.08 5.30 6.35
N LEU A 447 7.30 5.15 6.89
CA LEU A 447 7.53 4.96 8.33
C LEU A 447 8.36 6.04 8.98
N VAL A 448 9.24 6.65 8.19
CA VAL A 448 10.18 7.61 8.70
C VAL A 448 10.73 8.47 7.55
N LEU A 449 10.88 9.78 7.83
CA LEU A 449 11.53 10.74 6.93
C LEU A 449 12.62 11.50 7.66
N LYS A 450 13.82 11.52 7.06
CA LYS A 450 14.95 12.24 7.59
C LYS A 450 15.62 13.14 6.53
N SER A 451 15.73 14.41 6.85
CA SER A 451 16.39 15.41 6.01
C SER A 451 17.65 15.96 6.71
N PRO A 452 18.86 15.43 6.37
CA PRO A 452 20.03 15.82 7.13
C PRO A 452 20.40 17.28 6.80
N PRO A 453 21.13 17.98 7.70
CA PRO A 453 21.38 19.40 7.51
C PRO A 453 22.42 19.68 6.42
N ALA A 454 22.99 18.62 5.83
CA ALA A 454 23.91 18.72 4.67
C ALA A 454 24.06 17.38 3.94
N GLY A 455 24.83 17.41 2.85
CA GLY A 455 25.06 16.19 2.07
C GLY A 455 24.33 16.23 0.75
N PRO A 456 24.43 15.12 -0.04
CA PRO A 456 23.98 15.06 -1.44
C PRO A 456 22.47 14.93 -1.58
N ALA A 457 21.79 14.69 -0.45
CA ALA A 457 20.34 14.50 -0.49
C ALA A 457 19.58 15.21 0.62
N HIS A 458 18.38 15.62 0.27
CA HIS A 458 17.52 16.35 1.16
C HIS A 458 16.57 15.43 1.91
N LEU A 459 16.47 14.16 1.49
CA LEU A 459 15.53 13.26 2.11
C LEU A 459 15.96 11.80 2.04
N PHE A 460 15.93 11.11 3.19
CA PHE A 460 16.07 9.66 3.28
C PHE A 460 14.76 9.16 3.82
N SER A 461 14.30 8.01 3.32
CA SER A 461 12.99 7.49 3.67
C SER A 461 13.07 6.08 4.22
N GLY A 462 12.10 5.73 5.06
CA GLY A 462 11.88 4.37 5.51
C GLY A 462 10.40 4.06 5.35
N MET A 463 10.12 2.82 4.98
CA MET A 463 8.79 2.43 4.58
C MET A 463 8.63 0.93 4.66
N TYR A 464 7.37 0.48 4.66
CA TYR A 464 7.05 -0.92 4.53
C TYR A 464 7.49 -1.46 3.17
N ASP A 465 7.84 -2.74 3.21
CA ASP A 465 8.13 -3.66 2.11
C ASP A 465 9.22 -3.31 1.07
N LEU A 466 9.52 -2.02 0.92
CA LEU A 466 10.50 -1.53 -0.06
C LEU A 466 11.72 -0.95 0.63
N GLY A 467 11.70 -0.93 1.96
CA GLY A 467 12.82 -0.46 2.77
C GLY A 467 12.81 1.05 2.85
N GLY A 468 13.29 1.72 1.79
CA GLY A 468 13.27 3.15 1.70
C GLY A 468 14.37 3.59 0.74
N MET A 469 14.54 4.89 0.58
CA MET A 469 15.62 5.31 -0.31
C MET A 469 16.28 6.64 0.06
N ARG A 470 17.53 6.80 -0.37
CA ARG A 470 18.14 8.14 -0.42
C ARG A 470 17.58 8.83 -1.66
N HIS A 471 16.79 9.86 -1.42
CA HIS A 471 16.11 10.55 -2.50
C HIS A 471 16.98 11.64 -3.10
N ASP A 472 17.90 11.23 -3.95
CA ASP A 472 18.80 12.13 -4.65
C ASP A 472 17.97 13.03 -5.53
N ASP A 473 16.98 12.48 -6.19
CA ASP A 473 16.22 13.25 -7.17
C ASP A 473 14.76 12.91 -7.07
N PHE A 474 13.96 13.90 -6.70
CA PHE A 474 12.55 13.74 -6.35
C PHE A 474 11.69 13.36 -7.54
N SER A 475 12.16 13.68 -8.74
CA SER A 475 11.30 13.55 -9.94
C SER A 475 11.33 12.14 -10.51
N VAL A 476 12.19 11.30 -9.94
CA VAL A 476 12.54 10.04 -10.54
C VAL A 476 12.70 8.98 -9.48
N PRO A 477 12.27 7.74 -9.77
CA PRO A 477 12.46 6.65 -8.78
C PRO A 477 13.92 6.39 -8.45
N GLN A 478 14.20 5.96 -7.22
CA GLN A 478 15.54 5.69 -6.75
C GLN A 478 15.71 4.22 -6.42
N PRO A 479 16.98 3.75 -6.31
CA PRO A 479 17.14 2.41 -5.72
C PRO A 479 16.90 2.46 -4.19
N MET A 480 16.35 1.37 -3.64
CA MET A 480 16.22 1.15 -2.19
C MET A 480 17.60 0.90 -1.58
N TYR A 481 17.69 1.03 -0.24
CA TYR A 481 18.93 0.67 0.47
C TYR A 481 19.40 -0.74 0.10
N SER A 482 20.71 -0.90 0.09
CA SER A 482 21.33 -2.20 -0.14
C SER A 482 22.55 -2.40 0.77
N LYS A 483 22.83 -3.68 1.05
CA LYS A 483 23.97 -4.12 1.84
C LYS A 483 24.06 -3.40 3.16
N PRO A 484 23.08 -3.63 4.05
CA PRO A 484 21.93 -4.58 3.90
C PRO A 484 20.72 -4.00 3.18
N THR A 485 19.93 -4.89 2.59
CA THR A 485 18.64 -4.60 2.00
C THR A 485 17.61 -4.79 3.08
N PHE A 486 16.70 -3.82 3.25
CA PHE A 486 15.65 -3.93 4.23
C PHE A 486 14.29 -4.19 3.61
N SER A 487 13.50 -4.99 4.29
CA SER A 487 12.11 -5.09 3.90
C SER A 487 11.36 -3.84 4.43
N SER A 488 11.62 -3.48 5.68
CA SER A 488 11.12 -2.25 6.27
C SER A 488 12.29 -1.53 6.88
N THR A 489 12.26 -0.21 6.92
CA THR A 489 13.20 0.49 7.77
C THR A 489 12.42 1.28 8.78
N ASP A 490 12.38 0.76 10.00
CA ASP A 490 11.46 1.23 11.03
C ASP A 490 12.02 2.42 11.80
N GLY A 491 13.32 2.62 11.67
CA GLY A 491 13.98 3.71 12.33
C GLY A 491 15.19 4.13 11.54
N LEU A 492 15.45 5.43 11.56
CA LEU A 492 16.51 6.03 10.79
C LEU A 492 16.75 7.43 11.37
N ASP A 493 18.01 7.87 11.37
CA ASP A 493 18.40 9.17 11.88
C ASP A 493 19.78 9.54 11.39
N PHE A 494 20.09 10.84 11.42
CA PHE A 494 21.42 11.32 11.03
C PHE A 494 22.06 11.98 12.24
N ALA A 495 23.33 12.35 12.09
CA ALA A 495 24.03 13.14 13.12
C ALA A 495 23.94 14.62 12.81
N GLY A 496 23.42 15.39 13.76
CA GLY A 496 23.27 16.84 13.61
C GLY A 496 24.50 17.62 13.12
N ARG A 497 25.67 17.32 13.68
CA ARG A 497 26.92 17.99 13.27
C ARG A 497 27.88 17.07 12.48
N ALA A 498 27.44 15.84 12.22
CA ALA A 498 28.13 14.94 11.28
C ALA A 498 27.09 14.35 10.29
N ALA A 499 26.64 15.19 9.37
CA ALA A 499 25.56 14.84 8.44
C ALA A 499 25.84 13.65 7.50
N ASN A 500 27.12 13.27 7.37
CA ASN A 500 27.53 12.13 6.56
C ASN A 500 27.28 10.78 7.30
N VAL A 501 26.95 10.85 8.58
CA VAL A 501 26.70 9.64 9.35
C VAL A 501 25.22 9.51 9.58
N LEU A 502 24.66 8.39 9.12
CA LEU A 502 23.29 8.01 9.47
C LEU A 502 23.26 6.53 9.90
N ALA A 503 22.19 6.17 10.61
CA ALA A 503 21.95 4.83 11.09
C ALA A 503 20.60 4.37 10.58
N ARG A 504 20.47 3.07 10.35
CA ARG A 504 19.34 2.45 9.69
C ARG A 504 18.93 1.20 10.43
N VAL A 505 17.65 1.02 10.66
CA VAL A 505 17.19 -0.06 11.51
C VAL A 505 15.93 -0.70 10.94
N GLY A 506 15.89 -2.03 10.79
CA GLY A 506 14.72 -2.61 10.12
C GLY A 506 14.56 -4.11 10.10
N ARG A 507 13.57 -4.58 9.32
CA ARG A 507 13.38 -6.00 8.99
C ARG A 507 14.25 -6.29 7.76
N ASN A 508 15.10 -7.31 7.84
CA ASN A 508 15.94 -7.73 6.71
C ASN A 508 15.59 -9.15 6.28
N ASP A 509 14.80 -9.30 5.21
CA ASP A 509 14.34 -10.61 4.74
C ASP A 509 15.43 -11.38 3.98
N HIS A 510 16.46 -10.67 3.53
CA HIS A 510 17.54 -11.26 2.71
C HIS A 510 18.96 -10.82 3.14
N PRO A 511 19.50 -11.42 4.22
CA PRO A 511 20.84 -11.01 4.68
C PRO A 511 21.93 -11.26 3.62
N ASP A 512 22.88 -10.33 3.51
CA ASP A 512 23.98 -10.50 2.58
C ASP A 512 24.86 -11.67 3.00
N ALA A 513 25.21 -12.51 2.04
CA ALA A 513 25.94 -13.77 2.27
C ALA A 513 27.32 -13.48 2.85
N GLY A 514 27.63 -14.16 3.95
CA GLY A 514 28.94 -14.08 4.60
C GLY A 514 29.33 -12.71 5.16
N VAL A 515 28.34 -11.87 5.47
CA VAL A 515 28.61 -10.55 6.06
C VAL A 515 28.28 -10.60 7.55
N ALA A 516 29.26 -10.31 8.38
CA ALA A 516 29.12 -10.49 9.82
C ALA A 516 28.43 -9.29 10.47
N GLY A 517 27.70 -9.54 11.54
CA GLY A 517 27.09 -8.47 12.31
C GLY A 517 25.59 -8.50 12.25
N CYS A 518 24.98 -7.46 12.82
CA CYS A 518 23.53 -7.37 12.93
C CYS A 518 22.88 -7.05 11.58
N THR A 519 22.11 -7.99 11.04
CA THR A 519 21.49 -7.83 9.71
C THR A 519 20.43 -6.75 9.74
N GLN A 520 19.83 -6.59 10.91
CA GLN A 520 18.74 -5.64 11.12
C GLN A 520 19.19 -4.22 11.39
N GLY A 521 20.48 -3.93 11.24
CA GLY A 521 20.97 -2.60 11.63
C GLY A 521 22.30 -2.16 11.05
N ALA A 522 22.31 -0.98 10.43
CA ALA A 522 23.53 -0.47 9.83
C ALA A 522 23.68 1.05 9.93
N TYR A 523 24.92 1.50 9.76
CA TYR A 523 25.28 2.90 9.89
C TYR A 523 26.16 3.30 8.68
N THR A 524 26.07 4.56 8.28
CA THR A 524 26.92 5.05 7.20
C THR A 524 27.82 6.17 7.70
N THR A 525 28.96 6.37 7.03
CA THR A 525 29.83 7.55 7.23
C THR A 525 30.00 8.30 5.92
N ASN A 526 29.42 7.80 4.84
CA ASN A 526 29.51 8.48 3.53
C ASN A 526 28.14 8.78 2.88
N SER A 527 27.20 9.29 3.69
CA SER A 527 25.86 9.70 3.24
C SER A 527 25.10 8.57 2.53
N GLY A 528 25.29 7.36 3.03
CA GLY A 528 24.68 6.19 2.45
C GLY A 528 25.17 5.78 1.07
N ASP A 529 26.37 6.20 0.67
CA ASP A 529 27.06 5.55 -0.47
C ASP A 529 27.28 4.07 -0.13
N SER A 530 27.67 3.79 1.11
CA SER A 530 27.81 2.43 1.59
C SER A 530 27.43 2.38 3.06
N TRP A 531 27.04 1.19 3.52
CA TRP A 531 26.66 0.93 4.92
C TRP A 531 27.49 -0.23 5.46
N THR A 532 27.56 -0.33 6.78
CA THR A 532 28.20 -1.47 7.42
C THR A 532 27.36 -1.88 8.64
N LEU A 533 27.16 -3.19 8.81
CA LEU A 533 26.34 -3.69 9.91
C LEU A 533 26.89 -3.38 11.30
N PHE A 534 26.01 -3.01 12.23
CA PHE A 534 26.38 -2.93 13.62
C PHE A 534 26.97 -4.26 14.00
N GLN A 535 28.04 -4.23 14.79
CA GLN A 535 28.76 -5.44 15.10
C GLN A 535 27.87 -6.46 15.77
N THR A 536 26.98 -6.00 16.64
CA THR A 536 26.01 -6.88 17.31
C THR A 536 24.63 -6.21 17.30
N CYS A 537 23.57 -7.01 17.38
CA CYS A 537 22.21 -6.48 17.53
C CYS A 537 21.92 -6.06 18.97
N VAL A 538 21.11 -5.03 19.13
CA VAL A 538 20.53 -4.67 20.42
C VAL A 538 19.73 -5.86 21.01
N PRO A 539 19.77 -6.07 22.34
CA PRO A 539 18.90 -7.15 22.82
C PRO A 539 17.41 -6.93 22.46
N SER A 540 16.60 -7.99 22.56
CA SER A 540 15.13 -7.91 22.39
C SER A 540 14.59 -7.55 20.99
N LEU A 541 15.48 -7.41 20.01
CA LEU A 541 15.10 -7.08 18.63
C LEU A 541 14.12 -8.07 18.03
N GLU A 542 12.94 -7.60 17.65
CA GLU A 542 12.00 -8.48 16.94
C GLU A 542 12.49 -8.63 15.52
N VAL A 543 12.23 -9.78 14.93
CA VAL A 543 12.70 -10.05 13.59
C VAL A 543 11.97 -9.16 12.55
N GLY A 544 10.70 -8.83 12.83
CA GLY A 544 9.84 -8.11 11.87
C GLY A 544 9.83 -6.59 11.96
N ASN A 545 10.71 -6.05 12.80
CA ASN A 545 10.66 -4.65 13.12
C ASN A 545 11.94 -4.19 13.77
N GLY A 546 12.60 -3.23 13.13
CA GLY A 546 13.86 -2.71 13.57
C GLY A 546 13.87 -1.84 14.81
N GLY A 547 12.73 -1.26 15.19
CA GLY A 547 12.73 -0.29 16.31
C GLY A 547 13.09 1.14 15.91
N THR A 548 13.65 1.92 16.85
CA THR A 548 13.99 3.33 16.68
C THR A 548 15.49 3.58 16.98
N ILE A 549 16.26 4.21 16.09
CA ILE A 549 17.64 4.61 16.43
C ILE A 549 17.72 6.12 16.51
N ALA A 550 18.61 6.59 17.37
CA ALA A 550 19.02 8.01 17.36
C ALA A 550 20.56 8.07 17.32
N VAL A 551 21.07 9.06 16.59
CA VAL A 551 22.50 9.22 16.37
C VAL A 551 22.89 10.56 16.99
N GLY A 552 23.74 10.51 18.03
CA GLY A 552 24.26 11.70 18.71
C GLY A 552 24.97 12.62 17.72
N ALA A 553 25.01 13.93 18.03
CA ALA A 553 25.50 14.97 17.11
C ALA A 553 26.91 14.73 16.57
N ASP A 554 27.78 14.21 17.45
CA ASP A 554 29.08 13.53 17.19
C ASP A 554 29.12 12.63 15.93
N GLY A 555 28.02 11.90 15.66
CA GLY A 555 28.08 10.70 14.83
C GLY A 555 28.72 9.48 15.50
N LYS A 556 29.04 9.59 16.80
CA LYS A 556 29.81 8.56 17.50
C LYS A 556 29.01 7.75 18.53
N THR A 557 27.75 8.10 18.71
CA THR A 557 26.92 7.44 19.70
C THR A 557 25.53 7.13 19.14
N PHE A 558 25.09 5.90 19.37
CA PHE A 558 23.85 5.41 18.81
C PHE A 558 22.97 4.92 19.94
N VAL A 559 21.71 5.33 19.90
CA VAL A 559 20.76 4.89 20.89
C VAL A 559 19.72 4.09 20.13
N TRP A 560 19.47 2.88 20.59
CA TRP A 560 18.87 1.83 19.80
C TRP A 560 17.76 1.33 20.69
N SER A 561 16.51 1.67 20.36
CA SER A 561 15.39 1.17 21.13
C SER A 561 14.62 0.06 20.38
N PRO A 562 14.66 -1.19 20.90
CA PRO A 562 13.90 -2.25 20.25
C PRO A 562 12.39 -1.93 20.25
N SER A 563 11.67 -2.56 19.34
CA SER A 563 10.27 -2.28 19.08
C SER A 563 9.32 -2.86 20.12
N LYS A 564 9.82 -3.74 20.99
CA LYS A 564 9.01 -4.28 22.11
C LYS A 564 9.63 -3.94 23.46
N ALA A 565 8.81 -3.90 24.51
CA ALA A 565 9.33 -3.75 25.87
C ALA A 565 10.10 -5.02 26.34
N ASP A 566 11.05 -4.81 27.25
CA ASP A 566 11.88 -5.88 27.79
C ASP A 566 12.31 -5.57 29.25
N GLY A 567 11.77 -4.47 29.80
CA GLY A 567 12.13 -4.00 31.14
C GLY A 567 13.39 -3.13 31.21
N LYS A 568 14.05 -2.92 30.08
CA LYS A 568 15.11 -1.93 29.95
C LYS A 568 14.65 -0.71 29.14
N GLY A 569 15.46 0.35 29.22
CA GLY A 569 15.28 1.54 28.39
C GLY A 569 16.16 1.39 27.15
N PRO A 570 16.22 2.42 26.29
CA PRO A 570 17.02 2.34 25.05
C PRO A 570 18.51 2.06 25.29
N TYR A 571 19.11 1.18 24.48
CA TYR A 571 20.51 0.80 24.61
C TYR A 571 21.44 1.76 23.87
N THR A 572 22.61 2.03 24.44
CA THR A 572 23.61 2.91 23.82
C THR A 572 24.92 2.22 23.43
N SER A 573 25.58 2.80 22.42
CA SER A 573 26.84 2.28 21.88
C SER A 573 27.71 3.40 21.35
N SER A 574 28.98 3.36 21.77
CA SER A 574 29.98 4.30 21.29
C SER A 574 31.10 3.54 20.58
N ASP A 575 30.79 2.30 20.19
CA ASP A 575 31.74 1.39 19.57
C ASP A 575 31.06 0.64 18.41
N TYR A 576 30.21 1.37 17.67
CA TYR A 576 29.59 0.90 16.40
C TYR A 576 28.91 -0.48 16.51
N GLY A 577 28.37 -0.79 17.68
CA GLY A 577 27.61 -2.02 17.86
C GLY A 577 28.37 -3.20 18.44
N LYS A 578 29.64 -2.99 18.80
CA LYS A 578 30.42 -3.98 19.54
C LYS A 578 29.73 -4.27 20.88
N THR A 579 29.29 -3.22 21.58
CA THR A 579 28.46 -3.38 22.79
C THR A 579 27.19 -2.51 22.79
N TRP A 580 26.17 -3.02 23.46
CA TRP A 580 24.96 -2.26 23.75
C TRP A 580 24.67 -2.28 25.25
N THR A 581 24.64 -1.11 25.85
CA THR A 581 24.49 -0.98 27.30
C THR A 581 23.17 -0.31 27.65
N ALA A 582 22.42 -0.99 28.52
CA ALA A 582 21.17 -0.51 29.09
C ALA A 582 21.43 0.63 30.07
N PRO A 583 20.51 1.64 30.09
CA PRO A 583 20.69 2.83 30.93
C PRO A 583 20.09 2.77 32.36
N SER A 584 20.60 3.64 33.22
CA SER A 584 19.96 3.96 34.51
C SER A 584 18.94 5.07 34.28
N GLY A 585 17.97 5.19 35.20
CA GLY A 585 16.96 6.25 35.14
C GLY A 585 15.72 5.86 34.34
N LEU A 586 15.96 5.30 33.16
CA LEU A 586 14.94 4.93 32.19
C LEU A 586 14.87 3.40 31.95
N SER A 587 13.76 2.79 32.30
CA SER A 587 13.58 1.36 32.03
C SER A 587 12.40 1.01 31.09
N LYS A 588 12.09 1.92 30.16
CA LYS A 588 11.07 1.70 29.11
C LYS A 588 11.61 1.91 27.66
N GLN A 589 11.16 1.06 26.74
CA GLN A 589 11.47 1.23 25.31
C GLN A 589 10.44 2.16 24.63
N THR A 590 10.89 3.05 23.72
CA THR A 590 9.96 3.94 23.00
C THR A 590 10.42 4.30 21.60
N THR A 591 9.48 4.81 20.81
CA THR A 591 9.75 5.49 19.55
C THR A 591 10.10 6.97 19.82
N GLY A 592 9.79 7.45 21.02
CA GLY A 592 9.86 8.87 21.30
C GLY A 592 11.23 9.29 21.74
N ILE A 593 12.18 9.16 20.84
CA ILE A 593 13.57 9.47 21.10
C ILE A 593 14.03 10.43 20.04
N ALA A 594 14.87 11.38 20.45
CA ALA A 594 15.54 12.31 19.55
C ALA A 594 16.90 12.67 20.15
N ALA A 595 17.91 12.81 19.29
CA ALA A 595 19.21 13.33 19.70
C ALA A 595 19.28 14.82 19.48
N ASP A 596 20.02 15.50 20.36
CA ASP A 596 20.39 16.88 20.12
C ASP A 596 21.21 16.91 18.82
N ARG A 597 21.06 17.99 18.06
CA ARG A 597 21.72 18.11 16.80
C ARG A 597 22.99 18.93 16.94
N VAL A 598 23.23 19.48 18.13
CA VAL A 598 24.37 20.39 18.28
C VAL A 598 25.38 19.97 19.35
N GLN A 599 24.92 19.75 20.56
CA GLN A 599 25.74 19.15 21.62
C GLN A 599 25.78 17.61 21.46
N ALA A 600 26.97 17.03 21.41
CA ALA A 600 27.16 15.56 21.39
C ALA A 600 26.65 14.80 22.62
N ASN A 601 26.36 13.50 22.48
CA ASN A 601 26.03 12.62 23.59
C ASN A 601 24.82 13.00 24.46
N THR A 602 23.87 13.70 23.83
CA THR A 602 22.67 14.10 24.55
C THR A 602 21.40 13.74 23.78
N PHE A 603 20.52 13.03 24.49
CA PHE A 603 19.34 12.44 23.88
C PHE A 603 18.12 12.77 24.71
N TYR A 604 16.98 12.96 24.06
CA TYR A 604 15.75 13.26 24.78
C TYR A 604 14.73 12.17 24.60
N VAL A 605 13.97 11.88 25.67
CA VAL A 605 13.04 10.76 25.61
C VAL A 605 11.69 11.12 26.22
N TYR A 606 10.63 10.97 25.42
CA TYR A 606 9.29 11.16 25.90
C TYR A 606 8.53 9.83 25.79
N VAL A 607 8.17 9.23 26.92
CA VAL A 607 7.51 7.91 27.00
C VAL A 607 6.42 7.89 28.11
N GLU A 608 5.23 7.40 27.79
CA GLU A 608 4.12 7.28 28.74
C GLU A 608 4.00 8.47 29.72
N GLY A 609 4.10 9.68 29.18
CA GLY A 609 3.90 10.91 29.97
C GLY A 609 5.11 11.57 30.60
N ASP A 610 6.25 10.87 30.65
CA ASP A 610 7.45 11.40 31.32
C ASP A 610 8.57 11.73 30.33
N PHE A 611 9.41 12.65 30.73
CA PHE A 611 10.44 13.18 29.88
C PHE A 611 11.77 12.93 30.53
N PHE A 612 12.76 12.55 29.73
CA PHE A 612 14.08 12.17 30.24
C PHE A 612 15.16 12.71 29.33
N VAL A 613 16.29 13.07 29.93
CA VAL A 613 17.44 13.60 29.20
C VAL A 613 18.71 12.86 29.62
N SER A 614 19.55 12.55 28.64
CA SER A 614 20.87 12.02 28.89
C SER A 614 21.87 13.01 28.35
N THR A 615 22.90 13.32 29.14
CA THR A 615 24.03 14.13 28.69
C THR A 615 25.30 13.31 28.65
N ASP A 616 25.21 12.05 29.11
CA ASP A 616 26.35 11.10 29.06
C ASP A 616 26.24 10.01 27.96
N GLY A 617 25.66 10.36 26.81
CA GLY A 617 25.50 9.42 25.69
C GLY A 617 24.47 8.31 25.86
N GLY A 618 23.57 8.46 26.82
CA GLY A 618 22.54 7.47 27.03
C GLY A 618 22.82 6.46 28.14
N LYS A 619 23.97 6.60 28.82
CA LYS A 619 24.31 5.72 29.91
C LYS A 619 23.30 5.88 31.04
N SER A 620 22.86 7.10 31.25
CA SER A 620 21.97 7.43 32.35
C SER A 620 21.13 8.61 31.93
N TYR A 621 19.89 8.61 32.36
CA TYR A 621 18.94 9.68 32.05
C TYR A 621 18.48 10.25 33.38
N THR A 622 17.78 11.39 33.31
CA THR A 622 17.16 12.00 34.48
C THR A 622 15.83 12.60 34.06
N LYS A 623 14.78 12.28 34.81
CA LYS A 623 13.43 12.79 34.54
C LYS A 623 13.39 14.31 34.74
N LYS A 624 13.02 15.03 33.68
CA LYS A 624 12.91 16.50 33.68
C LYS A 624 11.58 16.93 33.06
N GLY A 625 11.55 17.98 32.25
CA GLY A 625 10.33 18.35 31.54
C GLY A 625 9.21 18.99 32.34
N ASN A 626 9.56 19.88 33.27
CA ASN A 626 8.59 20.73 33.94
C ASN A 626 7.86 21.67 32.97
N GLY A 627 6.53 21.68 33.01
CA GLY A 627 5.74 22.49 32.08
C GLY A 627 5.03 21.68 31.01
N LEU A 628 5.42 20.41 30.86
CA LEU A 628 4.73 19.44 30.00
C LEU A 628 3.41 19.03 30.64
N PRO A 629 2.45 18.54 29.84
CA PRO A 629 1.17 18.10 30.43
C PRO A 629 1.49 17.07 31.49
N CYS A 630 0.86 17.19 32.67
CA CYS A 630 1.55 16.75 33.89
C CYS A 630 1.00 15.55 34.65
N CYS A 631 -0.04 14.90 34.13
CA CYS A 631 -0.52 13.75 34.86
C CYS A 631 -0.70 12.41 34.09
N TRP A 632 -1.55 12.36 33.05
CA TRP A 632 -1.69 11.10 32.28
C TRP A 632 -0.46 10.62 31.49
N THR A 633 -0.57 9.40 30.98
CA THR A 633 0.53 8.69 30.31
C THR A 633 0.48 8.88 28.79
N TYR A 634 0.74 10.10 28.37
CA TYR A 634 0.62 10.48 26.97
C TYR A 634 1.76 9.87 26.11
N THR A 635 1.50 9.72 24.82
CA THR A 635 2.55 9.39 23.86
C THR A 635 2.87 10.68 23.11
N GLY A 636 4.11 10.78 22.63
CA GLY A 636 4.60 12.02 22.02
C GLY A 636 5.98 11.90 21.41
N THR A 637 6.36 12.93 20.65
CA THR A 637 7.58 12.91 19.87
C THR A 637 8.52 14.07 20.21
N PRO A 638 9.75 13.75 20.65
CA PRO A 638 10.66 14.87 20.79
C PRO A 638 11.19 15.26 19.42
N VAL A 639 11.37 16.57 19.21
CA VAL A 639 11.98 17.09 18.00
C VAL A 639 12.97 18.19 18.39
N THR A 640 14.21 18.01 17.96
CA THR A 640 15.31 18.87 18.35
C THR A 640 15.65 19.89 17.27
N SER A 641 16.03 21.08 17.71
CA SER A 641 16.52 22.15 16.86
C SER A 641 17.72 21.73 16.03
N ASN A 642 17.77 22.11 14.76
CA ASN A 642 18.99 21.88 13.97
C ASN A 642 20.09 22.89 14.29
N LEU A 643 19.73 23.97 14.97
CA LEU A 643 20.58 25.18 15.07
C LEU A 643 21.19 25.48 16.43
N ARG A 644 20.48 25.10 17.50
CA ARG A 644 20.91 25.42 18.85
C ARG A 644 20.83 24.19 19.71
N ALA A 645 21.83 24.05 20.61
CA ALA A 645 21.83 22.95 21.59
C ALA A 645 20.77 23.21 22.65
N GLY A 646 20.13 22.14 23.11
CA GLY A 646 19.14 22.21 24.17
C GLY A 646 17.88 22.95 23.78
N GLU A 647 17.70 23.22 22.49
CA GLU A 647 16.40 23.70 22.05
C GLU A 647 15.59 22.55 21.46
N LEU A 648 14.40 22.33 21.97
CA LEU A 648 13.52 21.28 21.43
C LEU A 648 12.03 21.53 21.61
N TRP A 649 11.26 20.75 20.87
CA TRP A 649 9.82 20.72 21.06
C TRP A 649 9.40 19.30 21.40
N VAL A 650 8.28 19.18 22.09
CA VAL A 650 7.64 17.89 22.26
C VAL A 650 6.18 18.03 21.82
N SER A 651 5.83 17.30 20.77
CA SER A 651 4.48 17.21 20.32
C SER A 651 3.76 16.09 21.06
N VAL A 652 2.78 16.44 21.88
CA VAL A 652 1.98 15.42 22.58
C VAL A 652 0.69 15.12 21.80
N LYS A 653 0.58 13.88 21.31
CA LYS A 653 -0.50 13.50 20.38
C LYS A 653 -1.86 13.78 21.00
N GLY A 654 -2.64 14.64 20.37
CA GLY A 654 -3.98 14.92 20.84
C GLY A 654 -4.09 16.03 21.89
N VAL A 655 -2.97 16.52 22.40
CA VAL A 655 -3.03 17.43 23.54
C VAL A 655 -2.30 18.78 23.32
N GLY A 656 -1.09 18.73 22.77
CA GLY A 656 -0.38 19.97 22.49
C GLY A 656 1.06 19.83 22.07
N ILE A 657 1.70 20.97 21.84
CA ILE A 657 3.10 21.05 21.45
C ILE A 657 3.79 21.97 22.47
N TYR A 658 4.95 21.53 22.96
CA TYR A 658 5.67 22.23 24.05
C TYR A 658 7.14 22.54 23.70
N HIS A 659 7.62 23.74 24.04
CA HIS A 659 8.93 24.26 23.61
C HIS A 659 9.91 24.55 24.77
N SER A 660 11.11 23.99 24.65
CA SER A 660 12.17 24.19 25.62
C SER A 660 13.41 24.74 24.96
N THR A 661 14.10 25.66 25.66
CA THR A 661 15.40 26.19 25.23
C THR A 661 16.50 25.88 26.25
N ASP A 662 16.14 25.18 27.33
CA ASP A 662 17.12 24.81 28.34
C ASP A 662 17.27 23.28 28.54
N PHE A 663 17.39 22.53 27.44
CA PHE A 663 17.66 21.07 27.48
C PHE A 663 16.54 20.29 28.17
N GLY A 664 15.33 20.85 28.19
CA GLY A 664 14.19 20.15 28.74
C GLY A 664 13.87 20.34 30.22
N ASN A 665 14.67 21.16 30.92
CA ASN A 665 14.29 21.57 32.29
C ASN A 665 12.94 22.28 32.33
N THR A 666 12.64 22.99 31.24
CA THR A 666 11.51 23.92 31.15
C THR A 666 10.83 23.89 29.78
N PHE A 667 9.57 23.49 29.76
CA PHE A 667 8.76 23.43 28.55
C PHE A 667 7.62 24.41 28.64
N THR A 668 7.39 25.15 27.54
CA THR A 668 6.35 26.16 27.44
C THR A 668 5.35 25.75 26.37
N ALA A 669 4.11 25.60 26.77
CA ALA A 669 3.02 25.33 25.84
C ALA A 669 2.93 26.38 24.74
N LEU A 670 2.74 25.91 23.50
CA LEU A 670 2.35 26.79 22.39
C LEU A 670 0.86 27.07 22.50
N ALA A 671 0.45 28.23 21.99
CA ALA A 671 -0.98 28.66 22.01
C ALA A 671 -2.00 27.58 21.59
N GLY A 672 -3.04 27.45 22.40
CA GLY A 672 -4.11 26.47 22.15
C GLY A 672 -3.80 25.06 22.68
N SER A 673 -2.56 24.85 23.09
CA SER A 673 -2.14 23.65 23.81
C SER A 673 -3.10 23.35 24.99
N GLY A 674 -3.68 22.13 25.00
CA GLY A 674 -4.65 21.68 26.02
C GLY A 674 -6.10 21.98 25.69
N SER A 675 -6.34 22.59 24.53
CA SER A 675 -7.71 22.86 24.09
C SER A 675 -7.89 22.60 22.60
N SER A 676 -7.67 23.59 21.75
CA SER A 676 -7.96 23.41 20.33
C SER A 676 -6.79 22.76 19.59
N LEU A 677 -5.60 22.82 20.17
CA LEU A 677 -4.40 22.32 19.50
C LEU A 677 -4.33 20.81 19.60
N ASN A 678 -4.37 20.15 18.45
CA ASN A 678 -4.35 18.69 18.40
C ASN A 678 -3.39 18.14 17.35
N PRO A 679 -2.12 17.98 17.72
CA PRO A 679 -1.16 17.56 16.71
C PRO A 679 -1.20 16.06 16.49
N ALA A 680 -1.12 15.61 15.23
CA ALA A 680 -0.85 14.19 14.96
C ALA A 680 0.65 13.98 14.75
N VAL A 681 1.27 14.76 13.88
CA VAL A 681 2.71 14.61 13.63
C VAL A 681 3.31 16.00 13.49
N PHE A 682 4.55 16.17 13.93
CA PHE A 682 5.11 17.52 14.06
C PHE A 682 6.58 17.60 13.66
N SER A 683 6.98 18.72 13.06
CA SER A 683 8.37 18.87 12.63
C SER A 683 8.87 20.30 12.55
N ILE A 684 10.18 20.38 12.39
CA ILE A 684 10.99 21.58 12.42
C ILE A 684 11.64 21.69 11.06
N GLY A 685 11.88 22.92 10.61
CA GLY A 685 12.70 23.20 9.42
C GLY A 685 13.31 24.60 9.51
N ALA A 686 14.14 24.95 8.52
CA ALA A 686 14.87 26.22 8.49
C ALA A 686 13.97 27.43 8.74
N PRO A 687 14.48 28.45 9.49
CA PRO A 687 13.68 29.64 9.78
C PRO A 687 13.58 30.54 8.56
N GLN A 688 12.55 31.39 8.53
CA GLN A 688 12.37 32.37 7.46
C GLN A 688 13.55 33.33 7.35
N THR A 689 13.99 33.86 8.48
CA THR A 689 15.12 34.77 8.48
C THR A 689 16.26 34.12 9.28
N PRO A 690 17.51 34.37 8.88
CA PRO A 690 18.59 33.57 9.47
C PRO A 690 18.62 33.62 11.00
N ASN A 691 18.60 32.43 11.60
CA ASN A 691 18.76 32.27 13.05
C ASN A 691 17.63 32.86 13.94
N ALA A 692 16.52 33.22 13.29
CA ALA A 692 15.25 33.38 14.02
C ALA A 692 14.80 32.00 14.53
N THR A 693 13.65 31.92 15.19
CA THR A 693 13.20 30.62 15.66
C THR A 693 12.77 29.77 14.44
N GLU A 694 13.05 28.47 14.52
CA GLU A 694 12.91 27.60 13.36
C GLU A 694 11.43 27.49 13.01
N THR A 695 11.12 27.22 11.74
CA THR A 695 9.72 27.13 11.35
C THR A 695 9.12 25.78 11.72
N LEU A 696 7.85 25.77 12.08
CA LEU A 696 7.24 24.57 12.60
C LEU A 696 6.36 24.06 11.50
N PHE A 697 6.14 22.74 11.45
CA PHE A 697 5.14 22.16 10.57
C PHE A 697 4.32 21.19 11.36
N LEU A 698 3.04 21.06 10.98
CA LEU A 698 2.08 20.27 11.67
C LEU A 698 1.10 19.66 10.69
N TRP A 699 0.84 18.36 10.86
CA TRP A 699 -0.40 17.76 10.40
C TRP A 699 -1.29 17.57 11.62
N GLY A 700 -2.45 18.21 11.61
CA GLY A 700 -3.38 18.13 12.74
C GLY A 700 -4.32 19.31 12.74
N ILE A 701 -4.97 19.56 13.87
CA ILE A 701 -5.80 20.73 14.07
C ILE A 701 -4.96 21.71 14.87
N PRO A 702 -4.61 22.87 14.26
CA PRO A 702 -3.72 23.86 14.89
C PRO A 702 -4.40 24.93 15.77
N SER A 703 -5.70 25.20 15.56
CA SER A 703 -6.43 26.22 16.34
C SER A 703 -7.93 25.99 16.28
N ALA A 704 -8.72 26.87 16.91
CA ALA A 704 -10.14 26.56 17.10
C ALA A 704 -10.95 26.70 15.80
N SER A 705 -10.41 27.45 14.85
CA SER A 705 -11.16 27.86 13.66
C SER A 705 -10.51 27.35 12.37
N GLN A 706 -9.53 26.47 12.52
CA GLN A 706 -8.82 25.93 11.39
C GLN A 706 -9.00 24.42 11.40
N PRO A 707 -9.29 23.82 10.22
CA PRO A 707 -9.52 22.37 10.17
C PRO A 707 -8.23 21.58 10.09
N GLU A 708 -8.36 20.25 10.24
CA GLU A 708 -7.25 19.33 10.06
C GLU A 708 -6.62 19.47 8.68
N GLY A 709 -5.31 19.70 8.66
CA GLY A 709 -4.57 19.86 7.41
C GLY A 709 -3.10 20.01 7.71
N LEU A 710 -2.31 20.35 6.70
CA LEU A 710 -0.88 20.65 6.84
C LEU A 710 -0.71 22.13 7.12
N TYR A 711 0.03 22.47 8.17
CA TYR A 711 0.22 23.88 8.57
C TYR A 711 1.67 24.18 8.88
N MET A 712 2.07 25.44 8.71
CA MET A 712 3.38 25.89 9.13
C MET A 712 3.29 27.15 10.01
N SER A 713 4.26 27.36 10.88
CA SER A 713 4.27 28.56 11.73
C SER A 713 5.68 29.10 11.80
N THR A 714 5.82 30.41 11.68
CA THR A 714 7.11 31.06 11.70
C THR A 714 7.26 31.87 12.99
N ASP A 715 6.21 31.86 13.83
CA ASP A 715 6.29 32.55 15.13
C ASP A 715 6.02 31.67 16.36
N ASN A 716 6.61 30.49 16.37
CA ASN A 716 6.42 29.48 17.44
C ASN A 716 4.95 29.19 17.80
N GLY A 717 4.09 29.13 16.80
CA GLY A 717 2.73 28.71 17.03
C GLY A 717 1.75 29.82 17.34
N GLY A 718 2.17 31.07 17.15
CA GLY A 718 1.18 32.16 17.23
C GLY A 718 0.23 32.10 16.04
N LEU A 719 0.79 31.83 14.86
CA LEU A 719 0.03 31.83 13.65
C LEU A 719 0.40 30.61 12.79
N TRP A 720 -0.63 29.86 12.39
CA TRP A 720 -0.44 28.71 11.54
C TRP A 720 -1.03 29.00 10.17
N THR A 721 -0.21 28.91 9.11
CA THR A 721 -0.76 29.11 7.77
C THR A 721 -0.98 27.73 7.10
N ARG A 722 -2.12 27.57 6.43
CA ARG A 722 -2.49 26.35 5.71
C ARG A 722 -1.62 26.13 4.48
N LEU A 723 -1.06 24.93 4.33
CA LEU A 723 -0.22 24.58 3.19
C LEU A 723 -0.94 23.74 2.13
N ASN A 724 -1.81 22.82 2.55
CA ASN A 724 -2.57 22.02 1.62
C ASN A 724 -3.96 22.61 1.45
N ASP A 725 -4.90 21.78 0.99
CA ASP A 725 -6.30 22.20 0.87
C ASP A 725 -7.22 20.97 1.00
N ASP A 726 -8.52 21.18 0.82
CA ASP A 726 -9.56 20.17 1.06
C ASP A 726 -9.44 18.97 0.13
N ALA A 727 -8.79 19.17 -1.02
CA ALA A 727 -8.64 18.14 -2.05
C ALA A 727 -7.27 17.49 -1.97
N HIS A 728 -6.45 17.96 -1.04
CA HIS A 728 -5.09 17.44 -0.86
C HIS A 728 -4.79 16.99 0.58
N ASN A 729 -5.48 15.94 1.02
CA ASN A 729 -5.22 15.36 2.32
C ASN A 729 -4.47 14.06 2.26
N TYR A 730 -4.77 13.24 1.25
CA TYR A 730 -4.03 12.01 0.98
C TYR A 730 -4.28 10.91 2.03
N GLY A 731 -5.33 11.02 2.83
CA GLY A 731 -5.54 10.09 3.96
C GLY A 731 -5.08 10.70 5.29
N GLY A 732 -4.32 11.79 5.20
CA GLY A 732 -3.70 12.41 6.36
C GLY A 732 -2.27 11.92 6.49
N ALA A 733 -1.36 12.81 6.91
CA ALA A 733 0.03 12.42 7.08
C ALA A 733 0.25 11.66 8.38
N THR A 734 1.15 10.69 8.31
CA THR A 734 1.53 9.88 9.47
C THR A 734 3.02 10.07 9.74
N VAL A 735 3.70 10.75 8.83
CA VAL A 735 5.13 11.03 8.99
C VAL A 735 5.36 12.43 8.45
N ILE A 736 6.36 13.11 8.98
CA ILE A 736 6.60 14.48 8.59
C ILE A 736 8.04 14.85 8.91
N SER A 737 8.72 15.52 7.98
CA SER A 737 10.00 16.12 8.29
C SER A 737 10.14 17.46 7.58
N GLY A 738 10.63 18.46 8.31
CA GLY A 738 11.05 19.73 7.70
C GLY A 738 12.37 19.47 7.04
N ASP A 739 12.97 20.54 6.52
CA ASP A 739 14.24 20.50 5.81
C ASP A 739 15.10 21.63 6.39
N PRO A 740 16.27 21.30 6.96
CA PRO A 740 17.12 22.33 7.59
C PRO A 740 17.80 23.33 6.63
N ARG A 741 17.85 22.99 5.34
CA ARG A 741 18.50 23.87 4.33
C ARG A 741 17.52 24.72 3.47
N ILE A 742 16.21 24.43 3.53
CA ILE A 742 15.22 25.16 2.71
C ILE A 742 14.04 25.61 3.54
N TYR A 743 13.82 26.91 3.58
CA TYR A 743 12.71 27.50 4.30
C TYR A 743 11.41 27.19 3.58
N GLY A 744 10.44 26.69 4.33
CA GLY A 744 9.09 26.57 3.83
C GLY A 744 8.83 25.23 3.19
N ARG A 745 9.82 24.34 3.27
CA ARG A 745 9.75 23.00 2.71
C ARG A 745 9.38 21.95 3.78
N VAL A 746 8.31 21.18 3.53
CA VAL A 746 8.06 19.96 4.33
C VAL A 746 7.85 18.74 3.47
N TYR A 747 8.22 17.60 4.05
CA TYR A 747 7.95 16.29 3.51
C TYR A 747 6.91 15.64 4.39
N ILE A 748 5.84 15.20 3.76
CA ILE A 748 4.85 14.35 4.42
C ILE A 748 4.78 12.96 3.80
N GLY A 749 4.75 11.97 4.68
CA GLY A 749 4.58 10.58 4.27
C GLY A 749 3.22 10.18 4.74
N MET A 750 2.58 9.28 4.00
CA MET A 750 1.30 8.75 4.48
C MET A 750 1.18 7.24 4.38
N ASN A 751 0.09 6.71 4.90
CA ASN A 751 -0.08 5.27 4.91
C ASN A 751 -0.87 4.89 3.70
N GLY A 752 -0.16 4.75 2.58
CA GLY A 752 -0.80 4.37 1.33
C GLY A 752 -0.80 5.42 0.24
N ARG A 753 -0.20 6.59 0.47
CA ARG A 753 -0.07 7.60 -0.58
C ARG A 753 1.35 8.12 -0.72
N GLY A 754 2.34 7.33 -0.27
CA GLY A 754 3.74 7.71 -0.39
C GLY A 754 4.16 9.00 0.29
N ILE A 755 4.99 9.76 -0.41
CA ILE A 755 5.60 10.98 0.12
C ILE A 755 5.23 12.17 -0.76
N ILE A 756 4.65 13.19 -0.16
CA ILE A 756 4.44 14.45 -0.84
C ILE A 756 5.56 15.41 -0.33
N CYS A 757 6.15 16.17 -1.26
CA CYS A 757 7.01 17.33 -0.95
C CYS A 757 6.18 18.61 -1.05
N ALA A 758 6.16 19.41 0.01
CA ALA A 758 5.37 20.65 0.00
C ALA A 758 6.28 21.87 0.14
N GLN A 759 6.02 22.89 -0.68
CA GLN A 759 6.83 24.10 -0.72
C GLN A 759 5.94 25.35 -0.72
N ALA A 760 6.08 26.16 0.31
CA ALA A 760 5.24 27.36 0.55
C ALA A 760 4.65 28.16 -0.65
N LEU A 761 5.51 28.74 -1.50
CA LEU A 761 5.00 29.45 -2.71
C LEU A 761 5.25 28.75 -4.10
N GLY A 762 4.35 28.98 -5.07
CA GLY A 762 4.44 28.40 -6.43
C GLY A 762 5.53 28.90 -7.42
#